data_6ZPI
#
_entry.id   6ZPI
#
_cell.length_a   1.00
_cell.length_b   1.00
_cell.length_c   1.00
_cell.angle_alpha   90.00
_cell.angle_beta   90.00
_cell.angle_gamma   90.00
#
_symmetry.space_group_name_H-M   'P 1'
#
loop_
_entity.id
_entity.type
_entity.pdbx_description
1 polymer 'Kinesin-like protein KIF15'
2 polymer 'Tubulin alpha-1B chain'
3 polymer 'Tubulin beta chain'
4 non-polymer 'PHOSPHOAMINOPHOSPHONIC ACID-ADENYLATE ESTER'
5 non-polymer 'MAGNESIUM ION'
6 non-polymer "GUANOSINE-5'-TRIPHOSPHATE"
7 non-polymer "GUANOSINE-5'-DIPHOSPHATE"
8 non-polymer TAXOL
#
loop_
_entity_poly.entity_id
_entity_poly.type
_entity_poly.pdbx_seq_one_letter_code
_entity_poly.pdbx_strand_id
1 'polypeptide(L)'
;MAPGSKTELRSVTNGQSNQPSNEGDAIKVFVRIRPPAERSGSADGEQNLSLSVLSSTSLRLHSNPEPKTFTFDHVADVDT
TQESVFATVAKSIVESCMSGYNGTIFAYGQTGSGKTFTMMGPSESDNFSHNLRGVIPRSFEYLFSLIDREKEKAGAGKSF
LSKCSFIEIYNEQIYDLLDSASAGLYLREHIKKGVFVVGAVEQVVTSAAEAYQVLSGGWRNRRVASTSMNRESSRSHAVF
TITIESMEKCNEIVNIRTSLLNLVDLAGSERQKDTHAEGMRLKEAGNINRSLSTLGQVITALVDVGNGKQRHVSYRDSKL
TFLLRDSLGGNAKTAIIANVHPGSRSFGETLSTLNFAQRAKLIKNKAVVNEDTQCLE
;
C
2 'polypeptide(L)'
;MRECISIHVGQAGVQIGNACWELYCLEHGIQPDGQMPSDKTIGGGDDSFNTFFSETGAGKHVPRAVFVDLEPTVIDEVRT
GTYRQLFHPEQLITGKEDAANNYARGHYTIGKEIIDLVLDRIRKLADQCTGLQGFLVFHSFGGGTGSGFTSLLMERLSVD
YGKKSKLEFSIYPAPQVSTAVVEPYNSILTTHTTLEHSDCAFMVDNEAIYDICRRNLDIERPTYTNLNRLISQIVSSITA
SLRFDGALNVDLTEFQTNLVPYPRIHFPLATYAPVISAEKAYHEQLSVAEITNACFEPANQMVKCDPRHGKYMACCLLYR
GDVVPKDVNAAIATIKTKRTIQFVDWCPTGFKVGINYQPPTVVPGGDLAKVQRAVCMLSNTTAIAEAWARLDHKFDLMYA
KRAFVHWYVGEGMEEGEFSEAREDMAALEKDYEEVGV
;
A
3 'polypeptide(L)'
;MREIVHIQAGQCGNQIGAKFWEVISDEHGIDPTGSYHGDSDLQLERINVYYNEAAGNKYVPRAILVDLEPGTMDSVRSGP
FGQIFRPDNFVFGQSGAGNNWAKGHYTEGAELVDSVLDVVRKESESCDCLQGFQLTHSLGGGTGSGMGTLLISKIREEYP
DRIMNTFSVVPSPKVSDTVVEPYNATLSVHQLVENTDETYCIDNEALYDICFRTLKLTTPTYGDLNHLVSATMSGVTTCL
RFPGQLNADLRKLAVNMVPFPRLHFFMPGFAPLTSRGSQQYRALTVPELTQQMFDAKNMMAACDPRHGRYLTVAAVFRGR
MSMKEVDEQMLNVQNKNSSYFVEWIPNNVKTAVCDIPPRGLKMSATFIGNSTAIQELFKRISEQFTAMFRRKAFLHWYTG
EGMDEMEFTEAESNMNDLVSEYQQYQDATAD
;
B
#
# COMPACT_ATOMS: atom_id res chain seq x y z
N GLY A 24 -20.03 -12.36 -30.38
CA GLY A 24 -18.95 -12.26 -31.34
C GLY A 24 -18.22 -13.57 -31.39
N ASP A 25 -16.98 -13.55 -31.86
CA ASP A 25 -16.17 -14.75 -31.93
C ASP A 25 -15.27 -14.81 -30.70
N ALA A 26 -15.29 -15.94 -30.02
CA ALA A 26 -14.42 -16.11 -28.87
C ALA A 26 -12.97 -16.15 -29.30
N ILE A 27 -12.12 -15.59 -28.46
CA ILE A 27 -10.67 -15.61 -28.64
C ILE A 27 -10.17 -17.04 -28.66
N LYS A 28 -9.05 -17.27 -29.32
CA LYS A 28 -8.47 -18.61 -29.39
C LYS A 28 -7.36 -18.73 -28.36
N VAL A 29 -7.43 -19.77 -27.52
CA VAL A 29 -6.44 -19.98 -26.49
C VAL A 29 -5.75 -21.30 -26.76
N PHE A 30 -4.43 -21.28 -26.71
CA PHE A 30 -3.62 -22.47 -26.89
C PHE A 30 -2.70 -22.59 -25.69
N VAL A 31 -2.37 -23.80 -25.31
CA VAL A 31 -1.44 -24.03 -24.22
C VAL A 31 -0.25 -24.79 -24.77
N ARG A 32 0.95 -24.26 -24.54
CA ARG A 32 2.18 -24.88 -24.98
C ARG A 32 2.97 -25.30 -23.78
N ILE A 33 3.34 -26.57 -23.74
CA ILE A 33 4.09 -27.14 -22.63
C ILE A 33 5.55 -27.23 -23.08
N ARG A 34 6.41 -26.44 -22.44
CA ARG A 34 7.82 -26.50 -22.75
C ARG A 34 8.42 -27.74 -22.10
N PRO A 35 9.46 -28.30 -22.69
CA PRO A 35 10.13 -29.42 -22.07
C PRO A 35 10.94 -28.94 -20.88
N PRO A 36 10.99 -29.72 -19.80
CA PRO A 36 11.91 -29.39 -18.72
C PRO A 36 13.33 -29.61 -19.21
N ALA A 37 14.26 -28.93 -18.56
CA ALA A 37 15.65 -29.16 -18.90
C ALA A 37 16.01 -30.59 -18.51
N GLU A 38 16.91 -31.19 -19.27
CA GLU A 38 17.35 -32.52 -18.93
C GLU A 38 18.14 -32.44 -17.63
N GLN A 47 10.93 -37.57 -11.59
CA GLN A 47 10.69 -36.37 -12.37
C GLN A 47 9.20 -36.20 -12.50
N ASN A 48 8.53 -36.17 -11.36
CA ASN A 48 7.08 -36.04 -11.35
C ASN A 48 6.69 -34.76 -12.09
N LEU A 49 5.86 -34.93 -13.13
CA LEU A 49 5.53 -33.83 -14.03
C LEU A 49 4.47 -32.90 -13.44
N SER A 50 3.45 -33.45 -12.78
CA SER A 50 2.28 -32.73 -12.26
C SER A 50 1.38 -32.22 -13.38
N LEU A 51 1.70 -32.54 -14.64
CA LEU A 51 0.95 -32.09 -15.80
C LEU A 51 0.89 -33.25 -16.77
N SER A 52 -0.28 -33.49 -17.38
CA SER A 52 -0.42 -34.57 -18.33
C SER A 52 -1.28 -34.10 -19.49
N VAL A 53 -0.95 -34.57 -20.69
CA VAL A 53 -1.69 -34.22 -21.90
C VAL A 53 -2.73 -35.28 -22.14
N LEU A 54 -4.00 -34.93 -21.93
CA LEU A 54 -5.09 -35.88 -22.18
C LEU A 54 -5.26 -36.14 -23.67
N SER A 55 -5.29 -35.08 -24.46
CA SER A 55 -5.49 -35.15 -25.90
C SER A 55 -5.14 -33.78 -26.43
N SER A 56 -5.24 -33.60 -27.74
CA SER A 56 -4.95 -32.27 -28.28
C SER A 56 -5.84 -31.24 -27.65
N THR A 57 -7.04 -31.67 -27.22
CA THR A 57 -8.05 -30.80 -26.65
C THR A 57 -7.99 -30.68 -25.14
N SER A 58 -7.28 -31.55 -24.43
CA SER A 58 -7.40 -31.48 -22.98
C SER A 58 -6.10 -31.82 -22.31
N LEU A 59 -5.96 -31.33 -21.09
CA LEU A 59 -4.79 -31.57 -20.28
C LEU A 59 -5.26 -32.00 -18.91
N ARG A 60 -4.36 -32.67 -18.19
CA ARG A 60 -4.56 -33.07 -16.80
C ARG A 60 -3.49 -32.41 -15.96
N LEU A 61 -3.89 -31.63 -14.98
CA LEU A 61 -2.93 -31.20 -13.99
C LEU A 61 -3.11 -32.15 -12.82
N HIS A 62 -2.07 -32.30 -12.00
CA HIS A 62 -2.07 -33.35 -11.00
C HIS A 62 -2.41 -32.92 -9.58
N SER A 63 -2.96 -31.72 -9.38
CA SER A 63 -3.30 -31.26 -8.03
C SER A 63 -4.10 -32.31 -7.26
N ASN A 64 -3.83 -32.39 -5.97
CA ASN A 64 -4.45 -33.36 -5.07
C ASN A 64 -5.13 -32.59 -3.96
N PRO A 65 -6.07 -33.21 -3.25
CA PRO A 65 -6.54 -34.57 -3.57
C PRO A 65 -7.41 -34.58 -4.81
N GLU A 66 -7.97 -33.43 -5.17
CA GLU A 66 -9.02 -33.43 -6.16
C GLU A 66 -8.55 -32.80 -7.46
N PRO A 67 -8.83 -33.50 -8.57
CA PRO A 67 -8.32 -33.11 -9.88
C PRO A 67 -9.00 -31.88 -10.42
N LYS A 68 -8.36 -31.30 -11.43
CA LYS A 68 -8.95 -30.20 -12.17
C LYS A 68 -8.52 -30.42 -13.59
N THR A 69 -9.47 -30.30 -14.52
CA THR A 69 -9.26 -30.53 -15.94
C THR A 69 -9.47 -29.23 -16.69
N PHE A 70 -8.64 -28.99 -17.70
CA PHE A 70 -8.74 -27.76 -18.47
C PHE A 70 -8.79 -28.11 -19.95
N THR A 71 -9.61 -27.37 -20.69
CA THR A 71 -9.73 -27.58 -22.12
C THR A 71 -9.57 -26.23 -22.81
N PHE A 72 -8.80 -26.20 -23.88
CA PHE A 72 -8.69 -24.96 -24.62
C PHE A 72 -8.94 -25.22 -26.09
N ASP A 73 -8.35 -24.41 -26.96
CA ASP A 73 -8.49 -24.66 -28.39
C ASP A 73 -7.50 -25.72 -28.86
N HIS A 74 -6.29 -25.75 -28.29
CA HIS A 74 -5.33 -26.76 -28.67
C HIS A 74 -4.22 -26.77 -27.63
N VAL A 75 -3.73 -27.95 -27.29
CA VAL A 75 -2.62 -28.05 -26.36
C VAL A 75 -1.50 -28.83 -27.05
N ALA A 76 -0.30 -28.27 -26.99
CA ALA A 76 0.88 -28.90 -27.56
C ALA A 76 1.79 -29.33 -26.42
N ASP A 77 2.24 -30.57 -26.47
CA ASP A 77 3.09 -31.07 -25.40
C ASP A 77 4.55 -30.70 -25.69
N VAL A 78 5.45 -31.26 -24.90
CA VAL A 78 6.85 -30.84 -24.88
C VAL A 78 7.52 -31.08 -26.22
N ASP A 79 7.09 -32.10 -26.96
CA ASP A 79 7.76 -32.46 -28.21
C ASP A 79 7.43 -31.49 -29.34
N THR A 80 6.31 -30.76 -29.25
CA THR A 80 5.82 -29.96 -30.36
C THR A 80 6.90 -29.05 -30.91
N THR A 81 6.97 -29.00 -32.24
CA THR A 81 7.99 -28.25 -32.95
C THR A 81 7.52 -26.81 -33.17
N GLN A 82 8.48 -25.96 -33.54
CA GLN A 82 8.14 -24.56 -33.79
C GLN A 82 7.19 -24.45 -34.97
N GLU A 83 7.44 -25.25 -36.01
CA GLU A 83 6.57 -25.23 -37.18
C GLU A 83 5.16 -25.64 -36.81
N SER A 84 5.03 -26.65 -35.95
CA SER A 84 3.71 -27.09 -35.54
C SER A 84 2.96 -25.95 -34.87
N VAL A 85 3.65 -25.22 -33.99
CA VAL A 85 3.01 -24.12 -33.29
C VAL A 85 2.53 -23.08 -34.30
N PHE A 86 3.38 -22.75 -35.27
CA PHE A 86 2.98 -21.77 -36.27
C PHE A 86 1.71 -22.22 -36.97
N ALA A 87 1.69 -23.47 -37.44
CA ALA A 87 0.52 -23.96 -38.16
C ALA A 87 -0.73 -23.88 -37.30
N THR A 88 -0.63 -24.30 -36.04
CA THR A 88 -1.85 -24.35 -35.23
C THR A 88 -2.33 -22.96 -34.86
N VAL A 89 -1.43 -22.07 -34.41
CA VAL A 89 -1.90 -20.79 -33.90
C VAL A 89 -1.91 -19.68 -34.95
N ALA A 90 -0.79 -19.48 -35.66
CA ALA A 90 -0.54 -18.23 -36.38
C ALA A 90 -1.07 -18.23 -37.81
N LYS A 91 -1.00 -19.37 -38.51
CA LYS A 91 -1.31 -19.37 -39.94
C LYS A 91 -2.68 -18.79 -40.21
N SER A 92 -3.66 -19.16 -39.39
CA SER A 92 -5.00 -18.64 -39.55
C SER A 92 -5.02 -17.12 -39.40
N ILE A 93 -4.30 -16.61 -38.40
CA ILE A 93 -4.35 -15.17 -38.15
C ILE A 93 -3.71 -14.41 -39.29
N VAL A 94 -2.63 -14.95 -39.87
CA VAL A 94 -2.03 -14.27 -41.02
C VAL A 94 -3.04 -14.18 -42.15
N GLU A 95 -3.71 -15.30 -42.44
CA GLU A 95 -4.70 -15.29 -43.52
C GLU A 95 -5.78 -14.25 -43.25
N SER A 96 -6.28 -14.20 -42.02
CA SER A 96 -7.31 -13.22 -41.69
C SER A 96 -6.77 -11.81 -41.83
N CYS A 97 -5.49 -11.61 -41.53
CA CYS A 97 -4.87 -10.31 -41.70
C CYS A 97 -4.93 -9.89 -43.15
N MET A 98 -4.63 -10.83 -44.05
CA MET A 98 -4.68 -10.56 -45.49
C MET A 98 -6.08 -10.15 -45.89
N SER A 99 -7.10 -10.74 -45.26
CA SER A 99 -8.48 -10.44 -45.58
C SER A 99 -8.96 -9.12 -44.99
N GLY A 100 -8.12 -8.43 -44.21
CA GLY A 100 -8.48 -7.12 -43.71
C GLY A 100 -8.81 -7.07 -42.23
N TYR A 101 -8.75 -8.20 -41.53
CA TYR A 101 -9.01 -8.23 -40.10
C TYR A 101 -7.74 -7.85 -39.34
N ASN A 102 -7.92 -7.22 -38.19
CA ASN A 102 -6.82 -7.02 -37.28
C ASN A 102 -6.54 -8.31 -36.55
N GLY A 103 -5.28 -8.54 -36.19
CA GLY A 103 -4.96 -9.79 -35.55
C GLY A 103 -3.90 -9.63 -34.50
N THR A 104 -4.04 -10.35 -33.39
CA THR A 104 -3.08 -10.25 -32.30
C THR A 104 -2.76 -11.64 -31.79
N ILE A 105 -1.47 -11.89 -31.58
CA ILE A 105 -1.00 -13.12 -30.95
C ILE A 105 -0.08 -12.68 -29.83
N PHE A 106 -0.36 -13.13 -28.61
CA PHE A 106 0.56 -12.80 -27.54
C PHE A 106 0.80 -14.01 -26.66
N ALA A 107 2.03 -14.14 -26.20
CA ALA A 107 2.44 -15.24 -25.35
C ALA A 107 2.38 -14.80 -23.90
N TYR A 108 1.70 -15.60 -23.07
CA TYR A 108 1.54 -15.29 -21.66
C TYR A 108 2.00 -16.48 -20.84
N GLY A 109 2.72 -16.20 -19.75
CA GLY A 109 3.15 -17.29 -18.89
C GLY A 109 4.20 -16.85 -17.90
N GLN A 110 4.51 -17.77 -17.00
CA GLN A 110 5.51 -17.55 -15.96
C GLN A 110 6.89 -17.37 -16.59
N THR A 111 7.79 -16.76 -15.83
CA THR A 111 9.15 -16.54 -16.31
C THR A 111 9.80 -17.88 -16.66
N GLY A 112 10.47 -17.90 -17.82
CA GLY A 112 11.16 -19.09 -18.26
C GLY A 112 10.27 -20.16 -18.82
N SER A 113 9.00 -19.85 -19.07
CA SER A 113 8.06 -20.83 -19.59
C SER A 113 8.21 -21.04 -21.09
N GLY A 114 8.87 -20.15 -21.81
CA GLY A 114 8.99 -20.31 -23.23
C GLY A 114 8.36 -19.24 -24.08
N LYS A 115 8.00 -18.10 -23.50
CA LYS A 115 7.31 -17.09 -24.28
C LYS A 115 8.18 -16.58 -25.41
N THR A 116 9.41 -16.16 -25.09
CA THR A 116 10.30 -15.61 -26.11
C THR A 116 10.69 -16.67 -27.11
N PHE A 117 10.96 -17.89 -26.64
CA PHE A 117 11.30 -18.97 -27.56
C PHE A 117 10.18 -19.20 -28.54
N THR A 118 8.94 -19.17 -28.07
CA THR A 118 7.81 -19.37 -28.96
C THR A 118 7.68 -18.23 -29.95
N MET A 119 7.70 -16.99 -29.47
CA MET A 119 7.47 -15.85 -30.33
C MET A 119 8.65 -15.62 -31.28
N MET A 120 9.85 -15.47 -30.73
CA MET A 120 10.99 -15.18 -31.58
C MET A 120 11.84 -16.41 -31.89
N GLY A 121 12.06 -17.27 -30.91
CA GLY A 121 12.97 -18.37 -31.11
C GLY A 121 14.22 -18.19 -30.26
N PRO A 122 15.24 -18.96 -30.60
CA PRO A 122 16.32 -19.24 -29.64
C PRO A 122 17.23 -18.08 -29.32
N SER A 123 17.56 -17.19 -30.26
CA SER A 123 18.69 -16.27 -30.17
C SER A 123 20.01 -17.04 -30.23
N GLU A 124 20.44 -17.37 -31.45
CA GLU A 124 21.70 -18.07 -31.68
C GLU A 124 21.77 -19.38 -30.91
N SER A 125 21.05 -20.39 -31.40
CA SER A 125 21.15 -21.75 -30.87
C SER A 125 21.93 -22.58 -31.86
N PHE A 128 21.21 -25.65 -34.50
CA PHE A 128 19.77 -25.80 -34.38
C PHE A 128 19.00 -24.53 -34.77
N SER A 129 19.67 -23.37 -34.73
CA SER A 129 19.02 -22.07 -34.80
C SER A 129 17.88 -21.94 -35.82
N HIS A 130 18.15 -22.30 -37.09
CA HIS A 130 17.23 -21.95 -38.18
C HIS A 130 15.85 -22.56 -37.99
N ASN A 131 15.78 -23.87 -37.75
CA ASN A 131 14.47 -24.49 -37.62
C ASN A 131 13.78 -24.07 -36.34
N LEU A 132 14.54 -23.54 -35.38
CA LEU A 132 14.02 -23.13 -34.09
C LEU A 132 13.31 -21.79 -34.12
N ARG A 133 13.48 -21.00 -35.18
CA ARG A 133 12.86 -19.68 -35.23
C ARG A 133 11.37 -19.77 -34.95
N GLY A 134 10.88 -18.79 -34.18
CA GLY A 134 9.55 -18.81 -33.63
C GLY A 134 8.52 -18.23 -34.56
N VAL A 135 7.37 -17.85 -33.97
CA VAL A 135 6.22 -17.49 -34.76
C VAL A 135 6.45 -16.20 -35.54
N ILE A 136 7.13 -15.22 -34.94
CA ILE A 136 7.28 -13.92 -35.61
C ILE A 136 8.00 -14.09 -36.95
N PRO A 137 9.19 -14.71 -37.03
CA PRO A 137 9.85 -14.82 -38.33
C PRO A 137 9.06 -15.64 -39.32
N ARG A 138 8.39 -16.69 -38.85
CA ARG A 138 7.59 -17.51 -39.74
C ARG A 138 6.43 -16.72 -40.29
N SER A 139 5.84 -15.85 -39.48
CA SER A 139 4.74 -15.02 -39.94
C SER A 139 5.19 -14.07 -41.02
N PHE A 140 6.38 -13.47 -40.83
CA PHE A 140 6.94 -12.64 -41.90
C PHE A 140 6.97 -13.42 -43.21
N GLU A 141 7.56 -14.62 -43.15
CA GLU A 141 7.74 -15.41 -44.37
C GLU A 141 6.40 -15.72 -45.01
N TYR A 142 5.44 -16.21 -44.21
CA TYR A 142 4.15 -16.60 -44.76
C TYR A 142 3.42 -15.41 -45.35
N LEU A 143 3.41 -14.30 -44.63
CA LEU A 143 2.67 -13.11 -45.07
C LEU A 143 3.20 -12.64 -46.42
N PHE A 144 4.52 -12.54 -46.55
CA PHE A 144 5.06 -12.01 -47.79
C PHE A 144 4.81 -12.97 -48.95
N SER A 145 4.89 -14.27 -48.72
CA SER A 145 4.59 -15.21 -49.79
C SER A 145 3.15 -15.04 -50.26
N LEU A 146 2.23 -14.91 -49.32
CA LEU A 146 0.83 -14.73 -49.69
C LEU A 146 0.65 -13.46 -50.50
N ILE A 147 1.32 -12.37 -50.09
CA ILE A 147 1.15 -11.13 -50.85
C ILE A 147 1.76 -11.26 -52.23
N ASP A 148 2.92 -11.91 -52.34
CA ASP A 148 3.53 -12.11 -53.64
C ASP A 148 2.57 -12.88 -54.53
N ARG A 149 1.91 -13.89 -53.95
CA ARG A 149 0.94 -14.68 -54.70
C ARG A 149 -0.25 -13.82 -55.09
N GLU A 150 -0.70 -12.94 -54.19
CA GLU A 150 -1.85 -12.10 -54.47
C GLU A 150 -1.55 -11.16 -55.62
N LYS A 151 -0.28 -10.76 -55.77
CA LYS A 151 0.09 -9.86 -56.85
C LYS A 151 -0.35 -10.42 -58.19
N GLU A 152 -0.19 -11.71 -58.39
CA GLU A 152 -0.72 -12.35 -59.59
C GLU A 152 -2.06 -12.95 -59.19
N GLY A 157 -4.22 -5.52 -60.15
CA GLY A 157 -4.15 -4.12 -59.84
C GLY A 157 -4.19 -3.87 -58.37
N LYS A 158 -4.12 -4.91 -57.56
CA LYS A 158 -4.02 -4.77 -56.13
C LYS A 158 -2.58 -4.49 -55.76
N SER A 159 -2.39 -3.66 -54.74
CA SER A 159 -1.06 -3.31 -54.27
C SER A 159 -1.02 -3.50 -52.78
N PHE A 160 0.18 -3.64 -52.23
CA PHE A 160 0.35 -3.84 -50.82
C PHE A 160 1.39 -2.87 -50.28
N LEU A 161 1.17 -2.40 -49.06
CA LEU A 161 2.12 -1.55 -48.37
C LEU A 161 2.26 -2.09 -46.96
N SER A 162 3.49 -2.35 -46.54
CA SER A 162 3.73 -2.96 -45.25
C SER A 162 4.71 -2.08 -44.47
N LYS A 163 4.34 -1.72 -43.25
CA LYS A 163 5.22 -0.99 -42.36
C LYS A 163 5.35 -1.79 -41.07
N CYS A 164 6.50 -1.65 -40.42
CA CYS A 164 6.75 -2.39 -39.19
C CYS A 164 7.17 -1.41 -38.10
N SER A 165 6.79 -1.73 -36.88
CA SER A 165 7.23 -0.99 -35.71
C SER A 165 7.55 -2.00 -34.63
N PHE A 166 8.55 -1.70 -33.81
CA PHE A 166 8.93 -2.60 -32.74
C PHE A 166 9.26 -1.77 -31.52
N ILE A 167 8.54 -1.99 -30.42
CA ILE A 167 8.67 -1.20 -29.21
C ILE A 167 8.60 -2.14 -28.01
N GLU A 168 9.14 -1.66 -26.90
CA GLU A 168 9.13 -2.41 -25.65
C GLU A 168 8.49 -1.57 -24.57
N ILE A 169 7.80 -2.25 -23.65
CA ILE A 169 7.18 -1.60 -22.50
C ILE A 169 8.03 -1.96 -21.29
N TYR A 170 8.94 -1.07 -20.93
CA TYR A 170 9.87 -1.29 -19.83
C TYR A 170 9.49 -0.37 -18.70
N ASN A 171 9.11 -0.94 -17.56
CA ASN A 171 8.72 -0.18 -16.38
C ASN A 171 7.63 0.84 -16.73
N GLU A 172 6.58 0.36 -17.39
CA GLU A 172 5.47 1.21 -17.76
C GLU A 172 5.96 2.40 -18.58
N GLN A 173 7.06 2.19 -19.30
CA GLN A 173 7.63 3.20 -20.18
C GLN A 173 7.81 2.55 -21.55
N ILE A 174 7.81 3.38 -22.59
CA ILE A 174 7.88 2.90 -23.96
C ILE A 174 9.26 3.25 -24.51
N TYR A 175 9.92 2.28 -25.11
CA TYR A 175 11.19 2.51 -25.76
C TYR A 175 11.09 1.97 -27.18
N ASP A 176 11.66 2.71 -28.12
CA ASP A 176 11.60 2.31 -29.52
C ASP A 176 12.80 1.43 -29.83
N LEU A 177 12.51 0.20 -30.26
CA LEU A 177 13.59 -0.73 -30.56
C LEU A 177 14.22 -0.41 -31.90
N LEU A 178 13.50 0.31 -32.77
CA LEU A 178 14.04 0.71 -34.06
C LEU A 178 14.97 1.90 -33.94
N ASP A 179 14.83 2.75 -32.92
CA ASP A 179 15.85 3.77 -32.73
C ASP A 179 16.15 3.90 -31.25
N SER A 180 17.41 3.66 -30.91
CA SER A 180 17.83 3.74 -29.52
C SER A 180 17.80 5.18 -29.04
N ALA A 181 17.92 6.13 -29.97
CA ALA A 181 17.95 7.54 -29.60
C ALA A 181 16.60 7.99 -29.08
N SER A 182 15.52 7.40 -29.58
CA SER A 182 14.17 7.88 -29.28
C SER A 182 13.93 7.99 -27.78
N ALA A 183 13.13 8.99 -27.43
CA ALA A 183 12.69 9.20 -26.06
C ALA A 183 11.38 9.95 -26.12
N GLY A 184 10.61 9.87 -25.04
CA GLY A 184 9.34 10.56 -25.01
C GLY A 184 8.29 9.90 -25.87
N LEU A 185 8.21 8.58 -25.83
CA LEU A 185 7.16 7.88 -26.53
C LEU A 185 5.96 7.76 -25.61
N TYR A 186 4.76 7.94 -26.16
CA TYR A 186 3.56 7.85 -25.36
C TYR A 186 2.45 7.23 -26.21
N LEU A 187 1.41 6.75 -25.52
CA LEU A 187 0.29 6.10 -26.18
C LEU A 187 -0.78 7.12 -26.51
N ARG A 188 -1.47 6.89 -27.62
CA ARG A 188 -2.49 7.81 -28.09
C ARG A 188 -3.60 7.00 -28.73
N GLU A 189 -4.84 7.38 -28.43
CA GLU A 189 -6.00 6.75 -29.04
C GLU A 189 -6.28 7.40 -30.38
N HIS A 190 -6.96 6.67 -31.27
CA HIS A 190 -7.16 7.13 -32.63
C HIS A 190 -8.59 6.88 -33.08
N ILE A 191 -8.98 7.58 -34.15
CA ILE A 191 -10.27 7.34 -34.80
C ILE A 191 -10.26 5.99 -35.49
N LYS A 192 -9.09 5.59 -36.01
CA LYS A 192 -8.88 4.24 -36.54
C LYS A 192 -9.04 3.20 -35.46
N LYS A 193 -9.42 3.65 -34.26
CA LYS A 193 -9.63 2.89 -33.04
C LYS A 193 -8.29 2.38 -32.56
N GLY A 194 -7.25 2.58 -33.35
CA GLY A 194 -5.95 2.11 -32.99
C GLY A 194 -5.41 2.95 -31.86
N VAL A 195 -4.87 2.27 -30.87
CA VAL A 195 -4.03 2.91 -29.88
C VAL A 195 -2.62 2.71 -30.38
N PHE A 196 -1.87 3.80 -30.52
CA PHE A 196 -0.57 3.66 -31.12
C PHE A 196 0.44 4.42 -30.29
N VAL A 197 1.71 4.15 -30.55
CA VAL A 197 2.80 4.85 -29.90
C VAL A 197 3.15 6.02 -30.79
N VAL A 198 3.04 7.23 -30.24
CA VAL A 198 3.34 8.43 -31.01
C VAL A 198 4.85 8.53 -31.16
N GLY A 199 5.29 8.71 -32.41
CA GLY A 199 6.70 8.90 -32.67
C GLY A 199 7.50 7.64 -32.77
N ALA A 200 6.85 6.48 -32.93
CA ALA A 200 7.57 5.25 -33.11
C ALA A 200 8.02 5.11 -34.55
N VAL A 201 9.20 4.52 -34.76
CA VAL A 201 9.70 4.38 -36.11
C VAL A 201 8.83 3.36 -36.84
N GLU A 202 8.34 3.76 -38.01
CA GLU A 202 7.57 2.88 -38.87
C GLU A 202 8.45 2.57 -40.07
N GLN A 203 8.90 1.34 -40.19
CA GLN A 203 9.81 0.97 -41.25
C GLN A 203 9.04 0.23 -42.34
N VAL A 204 9.13 0.76 -43.56
CA VAL A 204 8.50 0.11 -44.70
C VAL A 204 9.36 -1.07 -45.11
N VAL A 205 8.72 -2.20 -45.37
CA VAL A 205 9.43 -3.42 -45.69
C VAL A 205 8.76 -4.07 -46.89
N THR A 206 9.53 -4.35 -47.94
CA THR A 206 9.00 -4.97 -49.13
C THR A 206 9.05 -6.49 -49.07
N SER A 207 9.98 -7.07 -48.32
CA SER A 207 10.15 -8.53 -48.35
C SER A 207 10.36 -9.07 -46.95
N ALA A 208 10.25 -10.40 -46.84
CA ALA A 208 10.49 -11.05 -45.56
C ALA A 208 11.89 -10.76 -45.06
N ALA A 209 12.88 -10.80 -45.96
CA ALA A 209 14.26 -10.56 -45.56
C ALA A 209 14.43 -9.18 -44.96
N GLU A 210 13.82 -8.16 -45.59
CA GLU A 210 13.95 -6.81 -45.05
C GLU A 210 13.33 -6.73 -43.66
N ALA A 211 12.17 -7.37 -43.51
CA ALA A 211 11.54 -7.42 -42.20
C ALA A 211 12.44 -8.11 -41.20
N TYR A 212 13.17 -9.14 -41.64
CA TYR A 212 14.02 -9.86 -40.72
C TYR A 212 15.08 -8.94 -40.16
N GLN A 213 15.61 -8.06 -41.00
CA GLN A 213 16.61 -7.11 -40.51
C GLN A 213 16.02 -6.23 -39.42
N VAL A 214 14.80 -5.73 -39.65
CA VAL A 214 14.25 -4.85 -38.62
C VAL A 214 14.08 -5.65 -37.33
N LEU A 215 13.62 -6.90 -37.44
CA LEU A 215 13.40 -7.74 -36.27
C LEU A 215 14.71 -8.02 -35.55
N SER A 216 15.74 -8.41 -36.28
CA SER A 216 17.02 -8.75 -35.66
C SER A 216 17.59 -7.56 -34.91
N GLY A 217 17.61 -6.38 -35.57
CA GLY A 217 18.10 -5.20 -34.89
C GLY A 217 17.28 -4.89 -33.64
N GLY A 218 15.96 -4.95 -33.77
CA GLY A 218 15.10 -4.65 -32.65
C GLY A 218 15.23 -5.66 -31.53
N TRP A 219 15.31 -6.94 -31.89
CA TRP A 219 15.39 -8.00 -30.90
C TRP A 219 16.61 -7.79 -30.02
N ARG A 220 17.74 -7.42 -30.65
CA ARG A 220 18.88 -7.02 -29.85
C ARG A 220 18.49 -5.90 -28.91
N ASN A 221 17.64 -4.98 -29.38
CA ASN A 221 17.27 -3.81 -28.57
C ASN A 221 16.48 -4.18 -27.31
N ARG A 222 15.44 -5.02 -27.43
CA ARG A 222 14.62 -5.37 -26.26
C ARG A 222 15.48 -5.77 -25.08
N ARG A 223 15.17 -5.20 -23.90
CA ARG A 223 16.00 -5.36 -22.72
C ARG A 223 15.84 -6.75 -22.11
N VAL A 224 16.97 -7.38 -21.80
CA VAL A 224 16.98 -8.68 -21.17
C VAL A 224 17.98 -8.63 -20.01
N ALA A 225 17.69 -9.38 -18.97
CA ALA A 225 18.57 -9.44 -17.81
C ALA A 225 18.58 -10.87 -17.30
N SER A 226 19.45 -11.13 -16.34
CA SER A 226 19.64 -12.47 -15.82
C SER A 226 18.97 -12.59 -14.47
N THR A 227 18.14 -13.61 -14.32
CA THR A 227 17.55 -13.97 -13.05
C THR A 227 17.88 -15.42 -12.79
N SER A 228 17.66 -15.86 -11.55
CA SER A 228 17.91 -17.28 -11.26
C SER A 228 16.99 -18.14 -12.11
N MET A 229 15.77 -17.67 -12.36
CA MET A 229 14.80 -18.42 -13.14
C MET A 229 15.19 -18.47 -14.61
N ASN A 230 15.71 -17.38 -15.16
CA ASN A 230 16.07 -17.36 -16.57
C ASN A 230 17.25 -16.42 -16.76
N ARG A 231 18.32 -16.93 -17.36
CA ARG A 231 19.46 -16.07 -17.67
C ARG A 231 19.08 -15.06 -18.74
N GLU A 232 18.22 -15.48 -19.66
CA GLU A 232 17.75 -14.70 -20.80
C GLU A 232 16.46 -13.94 -20.53
N SER A 233 16.04 -13.81 -19.27
CA SER A 233 14.74 -13.24 -18.92
C SER A 233 14.48 -11.93 -19.64
N SER A 234 13.27 -11.80 -20.20
CA SER A 234 12.84 -10.58 -20.84
C SER A 234 12.33 -9.63 -19.76
N ARG A 235 12.90 -8.43 -19.70
CA ARG A 235 12.50 -7.47 -18.69
C ARG A 235 11.42 -6.51 -19.18
N SER A 236 10.98 -6.66 -20.42
CA SER A 236 9.95 -5.78 -20.96
C SER A 236 8.98 -6.60 -21.80
N HIS A 237 7.87 -5.96 -22.16
CA HIS A 237 6.90 -6.55 -23.05
C HIS A 237 7.20 -6.06 -24.46
N ALA A 238 7.50 -6.98 -25.36
CA ALA A 238 7.88 -6.62 -26.71
C ALA A 238 6.65 -6.63 -27.61
N VAL A 239 6.45 -5.55 -28.35
CA VAL A 239 5.33 -5.43 -29.27
C VAL A 239 5.89 -5.23 -30.65
N PHE A 240 5.76 -6.25 -31.50
CA PHE A 240 6.13 -6.12 -32.91
C PHE A 240 4.85 -5.97 -33.70
N THR A 241 4.77 -4.88 -34.47
CA THR A 241 3.54 -4.57 -35.16
C THR A 241 3.81 -4.46 -36.64
N ILE A 242 3.01 -5.16 -37.43
CA ILE A 242 3.06 -5.08 -38.88
C ILE A 242 1.75 -4.47 -39.33
N THR A 243 1.82 -3.40 -40.09
CA THR A 243 0.64 -2.79 -40.68
C THR A 243 0.57 -3.26 -42.13
N ILE A 244 -0.53 -3.89 -42.49
CA ILE A 244 -0.72 -4.43 -43.83
C ILE A 244 -1.85 -3.65 -44.48
N GLU A 245 -1.54 -2.92 -45.54
CA GLU A 245 -2.54 -2.16 -46.27
C GLU A 245 -2.55 -2.63 -47.70
N SER A 246 -3.73 -2.93 -48.22
CA SER A 246 -3.88 -3.36 -49.60
C SER A 246 -4.84 -2.41 -50.29
N MET A 247 -4.57 -2.17 -51.57
CA MET A 247 -5.43 -1.33 -52.39
C MET A 247 -5.81 -2.11 -53.63
N GLU A 248 -7.09 -2.35 -53.81
CA GLU A 248 -7.58 -3.00 -55.02
C GLU A 248 -8.16 -1.89 -55.86
N LYS A 249 -7.52 -1.57 -56.99
CA LYS A 249 -7.89 -0.40 -57.76
C LYS A 249 -8.41 -0.83 -59.12
N VAL A 254 -11.36 2.54 -55.76
CA VAL A 254 -10.34 1.78 -55.05
C VAL A 254 -10.90 1.36 -53.70
N ASN A 255 -10.61 0.13 -53.32
CA ASN A 255 -10.99 -0.40 -52.02
C ASN A 255 -9.71 -0.48 -51.20
N ILE A 256 -9.78 -0.04 -49.95
CA ILE A 256 -8.61 -0.01 -49.08
C ILE A 256 -8.88 -0.93 -47.90
N ARG A 257 -8.03 -1.94 -47.72
CA ARG A 257 -8.11 -2.82 -46.57
C ARG A 257 -6.87 -2.61 -45.73
N THR A 258 -7.05 -2.42 -44.43
CA THR A 258 -5.92 -2.17 -43.55
C THR A 258 -6.00 -3.11 -42.37
N SER A 259 -4.91 -3.80 -42.09
CA SER A 259 -4.86 -4.73 -40.98
C SER A 259 -3.68 -4.40 -40.09
N LEU A 260 -3.90 -4.44 -38.79
CA LEU A 260 -2.84 -4.31 -37.81
C LEU A 260 -2.58 -5.68 -37.21
N LEU A 261 -1.36 -6.16 -37.33
CA LEU A 261 -0.96 -7.45 -36.79
C LEU A 261 -0.04 -7.19 -35.61
N ASN A 262 -0.49 -7.55 -34.42
CA ASN A 262 0.29 -7.36 -33.21
C ASN A 262 0.85 -8.71 -32.78
N LEU A 263 2.16 -8.77 -32.64
CA LEU A 263 2.84 -9.99 -32.23
C LEU A 263 3.56 -9.65 -30.94
N VAL A 264 2.99 -10.05 -29.81
CA VAL A 264 3.44 -9.55 -28.51
C VAL A 264 4.09 -10.68 -27.72
N ASP A 265 5.31 -10.45 -27.27
CA ASP A 265 6.03 -11.34 -26.39
C ASP A 265 6.05 -10.65 -25.03
N LEU A 266 5.14 -11.07 -24.14
CA LEU A 266 5.03 -10.48 -22.83
C LEU A 266 6.16 -10.95 -21.92
N ALA A 267 6.48 -10.14 -20.93
CA ALA A 267 7.34 -10.57 -19.85
C ALA A 267 6.54 -11.50 -18.95
N GLY A 268 7.22 -12.23 -18.07
CA GLY A 268 6.51 -13.21 -17.30
C GLY A 268 6.40 -12.89 -15.83
N SER A 269 5.35 -13.40 -15.19
CA SER A 269 5.20 -13.23 -13.75
C SER A 269 6.36 -13.90 -13.04
N GLU A 270 6.88 -13.24 -12.02
CA GLU A 270 8.07 -13.72 -11.35
C GLU A 270 7.92 -13.61 -9.84
N ARG A 271 8.22 -14.69 -9.14
CA ARG A 271 8.35 -14.64 -7.70
C ARG A 271 9.78 -14.24 -7.38
N GLN A 272 9.93 -13.27 -6.47
CA GLN A 272 11.27 -12.79 -6.14
C GLN A 272 12.12 -13.89 -5.54
N LYS A 273 11.51 -14.74 -4.70
CA LYS A 273 12.26 -15.80 -4.04
C LYS A 273 12.92 -16.73 -5.04
N ASP A 274 12.22 -17.08 -6.12
CA ASP A 274 12.81 -17.94 -7.14
C ASP A 274 13.79 -17.17 -8.01
N THR A 275 13.41 -15.97 -8.45
CA THR A 275 14.25 -15.22 -9.37
C THR A 275 15.49 -14.66 -8.69
N HIS A 276 15.39 -14.36 -7.40
CA HIS A 276 16.45 -13.68 -6.66
C HIS A 276 16.73 -12.32 -7.26
N ALA A 277 15.72 -11.76 -7.93
CA ALA A 277 15.84 -10.43 -8.50
C ALA A 277 15.99 -9.41 -7.38
N GLU A 278 16.95 -8.51 -7.56
CA GLU A 278 17.20 -7.47 -6.58
C GLU A 278 17.63 -6.24 -7.35
N GLY A 279 17.45 -5.08 -6.72
CA GLY A 279 17.88 -3.85 -7.36
C GLY A 279 17.04 -3.57 -8.58
N MET A 280 17.73 -3.23 -9.68
CA MET A 280 17.04 -2.87 -10.91
C MET A 280 16.24 -4.05 -11.45
N ARG A 281 16.79 -5.27 -11.32
CA ARG A 281 16.07 -6.45 -11.75
C ARG A 281 14.76 -6.57 -11.01
N LEU A 282 14.78 -6.28 -9.71
CA LEU A 282 13.56 -6.35 -8.90
C LEU A 282 12.59 -5.25 -9.30
N LYS A 283 13.08 -4.05 -9.60
CA LYS A 283 12.19 -2.99 -10.02
C LYS A 283 11.47 -3.38 -11.29
N GLU A 284 12.21 -4.01 -12.21
CA GLU A 284 11.60 -4.50 -13.44
C GLU A 284 10.54 -5.54 -13.12
N ALA A 285 10.85 -6.45 -12.20
CA ALA A 285 9.89 -7.49 -11.84
C ALA A 285 8.62 -6.87 -11.26
N GLY A 286 8.76 -5.84 -10.43
CA GLY A 286 7.59 -5.20 -9.86
C GLY A 286 6.69 -4.65 -10.96
N ASN A 287 7.29 -3.98 -11.94
CA ASN A 287 6.49 -3.45 -13.05
C ASN A 287 5.87 -4.58 -13.87
N ILE A 288 6.61 -5.66 -14.10
CA ILE A 288 6.10 -6.76 -14.91
C ILE A 288 4.89 -7.37 -14.23
N ASN A 289 5.01 -7.65 -12.94
CA ASN A 289 3.91 -8.24 -12.20
C ASN A 289 2.72 -7.31 -12.19
N ARG A 290 2.95 -6.00 -12.02
CA ARG A 290 1.86 -5.03 -11.96
C ARG A 290 1.09 -4.97 -13.28
N SER A 291 1.81 -4.80 -14.38
CA SER A 291 1.15 -4.73 -15.68
C SER A 291 0.46 -6.03 -16.00
N LEU A 292 1.05 -7.16 -15.59
CA LEU A 292 0.40 -8.44 -15.80
C LEU A 292 -0.83 -8.57 -14.92
N SER A 293 -0.78 -7.99 -13.72
CA SER A 293 -1.93 -8.02 -12.84
C SER A 293 -3.08 -7.25 -13.47
N THR A 294 -2.77 -6.12 -14.08
CA THR A 294 -3.86 -5.36 -14.69
C THR A 294 -4.36 -6.07 -15.94
N LEU A 295 -3.48 -6.80 -16.64
CA LEU A 295 -3.95 -7.63 -17.74
C LEU A 295 -4.98 -8.63 -17.25
N GLY A 296 -4.67 -9.29 -16.13
CA GLY A 296 -5.63 -10.21 -15.54
C GLY A 296 -6.91 -9.53 -15.13
N GLN A 297 -6.80 -8.31 -14.60
CA GLN A 297 -7.99 -7.57 -14.18
C GLN A 297 -8.87 -7.28 -15.38
N VAL A 298 -8.27 -6.88 -16.49
CA VAL A 298 -9.02 -6.60 -17.70
C VAL A 298 -9.73 -7.85 -18.18
N ILE A 299 -9.02 -8.97 -18.19
CA ILE A 299 -9.58 -10.21 -18.73
C ILE A 299 -10.75 -10.66 -17.87
N THR A 300 -10.60 -10.55 -16.55
CA THR A 300 -11.69 -10.95 -15.66
C THR A 300 -12.89 -10.03 -15.84
N ALA A 301 -12.64 -8.72 -15.91
CA ALA A 301 -13.73 -7.77 -16.05
C ALA A 301 -14.51 -8.06 -17.31
N LEU A 302 -13.80 -8.38 -18.40
CA LEU A 302 -14.47 -8.66 -19.65
C LEU A 302 -15.36 -9.87 -19.51
N VAL A 303 -14.91 -10.89 -18.79
CA VAL A 303 -15.76 -12.07 -18.59
C VAL A 303 -17.06 -11.66 -17.91
N ASP A 304 -16.98 -10.82 -16.88
CA ASP A 304 -18.19 -10.36 -16.20
C ASP A 304 -19.12 -9.65 -17.18
N VAL A 305 -18.58 -8.75 -17.98
CA VAL A 305 -19.38 -7.96 -18.92
C VAL A 305 -19.93 -8.82 -20.04
N GLY A 306 -19.15 -9.79 -20.50
CA GLY A 306 -19.60 -10.65 -21.57
C GLY A 306 -20.88 -11.35 -21.18
N ASN A 307 -20.93 -11.85 -19.95
CA ASN A 307 -22.21 -12.25 -19.42
C ASN A 307 -22.97 -11.01 -19.01
N GLY A 308 -24.29 -11.10 -18.98
CA GLY A 308 -25.05 -9.94 -18.56
C GLY A 308 -24.59 -9.49 -17.20
N LYS A 309 -23.82 -8.41 -17.16
CA LYS A 309 -23.33 -7.82 -15.92
C LYS A 309 -22.85 -6.42 -16.27
N GLN A 310 -22.51 -5.67 -15.23
CA GLN A 310 -21.91 -4.36 -15.42
C GLN A 310 -20.50 -4.41 -14.84
N ARG A 311 -19.52 -3.98 -15.62
CA ARG A 311 -18.17 -3.89 -15.08
C ARG A 311 -17.41 -2.85 -15.89
N HIS A 312 -16.37 -2.24 -15.30
CA HIS A 312 -15.50 -1.36 -16.07
C HIS A 312 -14.23 -2.10 -16.26
N VAL A 313 -13.78 -2.03 -17.47
CA VAL A 313 -12.50 -2.57 -17.82
C VAL A 313 -11.51 -1.44 -17.67
N SER A 314 -10.51 -1.65 -16.84
CA SER A 314 -9.46 -0.65 -16.65
C SER A 314 -8.38 -0.94 -17.68
N TYR A 315 -8.67 -0.57 -18.93
CA TYR A 315 -7.69 -0.70 -20.00
C TYR A 315 -6.52 0.25 -19.76
N ARG A 316 -6.80 1.44 -19.26
CA ARG A 316 -5.69 2.37 -19.23
C ARG A 316 -4.88 2.25 -17.94
N ASP A 317 -5.18 1.26 -17.09
CA ASP A 317 -4.35 1.02 -15.91
C ASP A 317 -2.89 0.75 -16.28
N SER A 318 -2.64 0.05 -17.39
CA SER A 318 -1.26 -0.15 -17.82
C SER A 318 -1.15 0.18 -19.30
N LYS A 319 0.07 0.50 -19.71
CA LYS A 319 0.31 0.78 -21.12
C LYS A 319 0.01 -0.45 -21.95
N LEU A 320 0.35 -1.63 -21.41
CA LEU A 320 0.10 -2.86 -22.13
C LEU A 320 -1.38 -3.06 -22.40
N THR A 321 -2.20 -2.94 -21.35
CA THR A 321 -3.62 -3.18 -21.51
C THR A 321 -4.26 -2.18 -22.45
N PHE A 322 -3.73 -0.94 -22.45
CA PHE A 322 -4.26 0.08 -23.35
C PHE A 322 -3.95 -0.26 -24.81
N LEU A 323 -2.70 -0.62 -25.08
CA LEU A 323 -2.31 -0.94 -26.46
C LEU A 323 -3.08 -2.16 -26.96
N LEU A 324 -3.33 -3.11 -26.07
CA LEU A 324 -4.03 -4.35 -26.36
C LEU A 324 -5.54 -4.23 -26.30
N ARG A 325 -6.07 -3.04 -26.00
CA ARG A 325 -7.50 -2.87 -25.77
C ARG A 325 -8.34 -3.50 -26.87
N ASP A 326 -8.01 -3.23 -28.12
CA ASP A 326 -8.78 -3.81 -29.22
C ASP A 326 -8.63 -5.32 -29.24
N SER A 327 -7.43 -5.80 -28.91
CA SER A 327 -7.21 -7.24 -28.93
C SER A 327 -8.09 -7.95 -27.92
N LEU A 328 -8.49 -7.26 -26.85
CA LEU A 328 -9.28 -7.87 -25.79
C LEU A 328 -10.69 -7.33 -25.85
N GLY A 329 -11.58 -8.05 -26.51
CA GLY A 329 -12.97 -7.68 -26.60
C GLY A 329 -13.28 -6.69 -27.70
N GLY A 330 -12.27 -6.22 -28.41
CA GLY A 330 -12.46 -5.22 -29.43
C GLY A 330 -12.45 -5.82 -30.82
N ASN A 331 -12.06 -4.98 -31.79
CA ASN A 331 -12.09 -5.35 -33.20
C ASN A 331 -10.74 -5.95 -33.59
N ALA A 332 -10.60 -7.24 -33.31
CA ALA A 332 -9.38 -7.96 -33.68
C ALA A 332 -9.60 -9.43 -33.40
N LYS A 333 -8.95 -10.27 -34.20
CA LYS A 333 -8.95 -11.70 -33.96
C LYS A 333 -7.72 -12.00 -33.12
N THR A 334 -7.93 -12.46 -31.90
CA THR A 334 -6.82 -12.62 -30.98
C THR A 334 -6.61 -14.08 -30.66
N ALA A 335 -5.34 -14.48 -30.59
CA ALA A 335 -4.96 -15.80 -30.16
C ALA A 335 -3.95 -15.64 -29.04
N ILE A 336 -4.16 -16.36 -27.95
CA ILE A 336 -3.27 -16.30 -26.80
C ILE A 336 -2.58 -17.63 -26.69
N ILE A 337 -1.25 -17.62 -26.64
CA ILE A 337 -0.50 -18.83 -26.37
C ILE A 337 -0.04 -18.76 -24.92
N ALA A 338 -0.53 -19.69 -24.11
CA ALA A 338 -0.18 -19.75 -22.71
C ALA A 338 0.96 -20.75 -22.58
N ASN A 339 2.09 -20.28 -22.07
CA ASN A 339 3.28 -21.11 -21.93
C ASN A 339 3.36 -21.60 -20.49
N VAL A 340 3.54 -22.90 -20.33
CA VAL A 340 3.63 -23.49 -19.00
C VAL A 340 4.83 -24.43 -18.97
N HIS A 341 5.44 -24.52 -17.80
CA HIS A 341 6.48 -25.47 -17.55
C HIS A 341 5.88 -26.61 -16.77
N PRO A 342 6.02 -27.84 -17.22
CA PRO A 342 5.58 -28.96 -16.40
C PRO A 342 6.54 -29.01 -15.23
N GLY A 343 6.28 -29.90 -14.30
CA GLY A 343 7.22 -29.88 -13.21
C GLY A 343 6.50 -29.42 -11.97
N SER A 344 6.72 -30.13 -10.87
CA SER A 344 5.98 -29.89 -9.65
C SER A 344 6.31 -28.54 -9.04
N ARG A 345 7.52 -28.05 -9.27
CA ARG A 345 7.92 -26.78 -8.67
C ARG A 345 7.07 -25.65 -9.19
N SER A 346 6.76 -25.67 -10.49
CA SER A 346 5.96 -24.64 -11.15
C SER A 346 4.47 -24.87 -10.99
N PHE A 347 4.06 -25.76 -10.08
CA PHE A 347 2.65 -26.12 -9.94
C PHE A 347 1.77 -24.89 -9.76
N GLY A 348 2.10 -24.05 -8.77
CA GLY A 348 1.24 -22.91 -8.49
C GLY A 348 1.18 -21.93 -9.64
N GLU A 349 2.35 -21.62 -10.23
CA GLU A 349 2.40 -20.67 -11.33
C GLU A 349 1.67 -21.22 -12.54
N THR A 350 1.82 -22.52 -12.79
CA THR A 350 1.13 -23.16 -13.91
C THR A 350 -0.37 -23.08 -13.69
N LEU A 351 -0.82 -23.33 -12.46
CA LEU A 351 -2.22 -23.17 -12.13
C LEU A 351 -2.69 -21.78 -12.51
N SER A 352 -1.94 -20.77 -12.08
CA SER A 352 -2.34 -19.40 -12.34
C SER A 352 -2.45 -19.13 -13.83
N THR A 353 -1.46 -19.58 -14.60
CA THR A 353 -1.47 -19.35 -16.03
C THR A 353 -2.67 -20.02 -16.68
N LEU A 354 -2.94 -21.26 -16.30
CA LEU A 354 -4.08 -21.98 -16.87
C LEU A 354 -5.39 -21.30 -16.48
N ASN A 355 -5.51 -20.86 -15.23
CA ASN A 355 -6.74 -20.22 -14.79
C ASN A 355 -7.00 -18.95 -15.59
N PHE A 356 -5.94 -18.16 -15.78
CA PHE A 356 -6.02 -16.94 -16.58
C PHE A 356 -6.42 -17.27 -18.02
N ALA A 357 -5.78 -18.28 -18.61
CA ALA A 357 -6.07 -18.64 -19.98
C ALA A 357 -7.51 -19.12 -20.13
N GLN A 358 -7.99 -19.88 -19.15
CA GLN A 358 -9.35 -20.39 -19.19
C GLN A 358 -10.34 -19.24 -19.21
N ARG A 359 -10.11 -18.24 -18.36
CA ARG A 359 -11.00 -17.08 -18.38
C ARG A 359 -10.93 -16.36 -19.73
N ALA A 360 -9.71 -16.17 -20.23
CA ALA A 360 -9.50 -15.52 -21.52
C ALA A 360 -10.33 -16.13 -22.61
N LYS A 361 -10.43 -17.46 -22.58
CA LYS A 361 -11.19 -18.17 -23.61
C LYS A 361 -12.63 -17.68 -23.67
N LEU A 362 -13.14 -17.17 -22.54
CA LEU A 362 -14.53 -16.74 -22.49
C LEU A 362 -14.77 -15.43 -23.22
N ILE A 363 -13.74 -14.59 -23.36
CA ILE A 363 -13.89 -13.27 -23.94
C ILE A 363 -14.24 -13.38 -25.41
N LYS A 364 -15.26 -12.63 -25.84
CA LYS A 364 -15.66 -12.60 -27.24
C LYS A 364 -15.24 -11.28 -27.85
N ASN A 365 -14.71 -11.34 -29.06
CA ASN A 365 -14.30 -10.16 -29.77
C ASN A 365 -15.27 -9.91 -30.91
N LYS A 366 -15.30 -8.68 -31.40
CA LYS A 366 -16.12 -8.33 -32.55
C LYS A 366 -15.16 -7.82 -33.60
N ALA A 367 -14.74 -8.68 -34.51
CA ALA A 367 -13.76 -8.32 -35.52
C ALA A 367 -14.48 -8.10 -36.84
N VAL A 368 -14.18 -6.98 -37.48
CA VAL A 368 -14.76 -6.68 -38.78
C VAL A 368 -13.59 -6.42 -39.72
N VAL A 369 -13.88 -6.52 -41.01
CA VAL A 369 -12.90 -6.13 -42.00
C VAL A 369 -12.78 -4.62 -41.96
N ASN A 370 -11.56 -4.13 -41.85
CA ASN A 370 -11.34 -2.70 -41.87
C ASN A 370 -11.21 -2.30 -43.33
N GLU A 371 -12.26 -1.69 -43.87
CA GLU A 371 -12.31 -1.41 -45.29
C GLU A 371 -12.53 0.07 -45.54
N ASP A 372 -12.30 0.46 -46.78
CA ASP A 372 -12.57 1.79 -47.27
C ASP A 372 -12.87 1.66 -48.74
N THR A 373 -13.75 2.50 -49.25
CA THR A 373 -14.03 2.55 -50.66
C THR A 373 -13.77 3.96 -51.12
N MET B 1 23.85 -18.63 33.57
CA MET B 1 22.44 -18.78 33.95
C MET B 1 21.49 -18.77 32.75
N ARG B 2 20.23 -19.16 33.01
CA ARG B 2 19.16 -19.04 32.03
C ARG B 2 18.91 -17.56 31.75
N GLU B 3 19.12 -17.13 30.49
CA GLU B 3 19.10 -15.71 30.17
C GLU B 3 18.48 -15.45 28.80
N CYS B 4 17.89 -14.26 28.64
CA CYS B 4 17.00 -14.00 27.51
C CYS B 4 17.44 -12.78 26.70
N ILE B 5 16.67 -12.52 25.64
CA ILE B 5 16.90 -11.44 24.69
C ILE B 5 15.56 -10.82 24.33
N SER B 6 15.53 -9.49 24.20
CA SER B 6 14.30 -8.73 23.94
C SER B 6 14.39 -8.00 22.60
N ILE B 7 13.34 -8.13 21.80
CA ILE B 7 13.23 -7.46 20.49
C ILE B 7 11.88 -6.77 20.41
N HIS B 8 11.89 -5.48 20.08
CA HIS B 8 10.68 -4.67 19.97
C HIS B 8 10.66 -4.01 18.60
N VAL B 9 9.69 -4.40 17.77
CA VAL B 9 9.68 -4.08 16.34
C VAL B 9 8.35 -3.43 15.96
N GLY B 10 8.42 -2.37 15.16
CA GLY B 10 7.27 -1.56 14.88
C GLY B 10 6.94 -0.62 16.03
N GLN B 11 6.26 0.48 15.69
CA GLN B 11 5.96 1.54 16.66
C GLN B 11 5.32 0.96 17.91
N ALA B 12 4.27 0.15 17.71
CA ALA B 12 3.49 -0.40 18.81
C ALA B 12 4.37 -1.23 19.73
N GLY B 13 5.16 -2.13 19.14
CA GLY B 13 6.04 -2.97 19.93
C GLY B 13 7.03 -2.16 20.72
N VAL B 14 7.59 -1.12 20.09
CA VAL B 14 8.55 -0.24 20.76
C VAL B 14 7.91 0.42 21.97
N GLN B 15 6.69 0.93 21.79
CA GLN B 15 5.93 1.58 22.86
C GLN B 15 5.74 0.62 24.03
N ILE B 16 5.27 -0.59 23.71
CA ILE B 16 5.08 -1.64 24.72
C ILE B 16 6.38 -1.88 25.46
N GLY B 17 7.47 -2.01 24.70
CA GLY B 17 8.76 -2.30 25.27
C GLY B 17 9.23 -1.23 26.23
N ASN B 18 8.97 0.05 25.92
CA ASN B 18 9.31 1.12 26.85
C ASN B 18 8.70 0.85 28.21
N ALA B 19 7.38 0.61 28.20
CA ALA B 19 6.67 0.35 29.45
C ALA B 19 7.24 -0.87 30.17
N CYS B 20 7.49 -1.94 29.41
CA CYS B 20 8.04 -3.17 29.96
C CYS B 20 9.35 -2.91 30.66
N TRP B 21 10.24 -2.16 30.01
CA TRP B 21 11.55 -1.91 30.57
C TRP B 21 11.45 -1.06 31.82
N GLU B 22 10.54 -0.08 31.82
CA GLU B 22 10.27 0.70 33.03
C GLU B 22 9.85 -0.19 34.18
N LEU B 23 8.92 -1.11 33.90
CA LEU B 23 8.45 -2.06 34.92
C LEU B 23 9.59 -2.88 35.46
N TYR B 24 10.42 -3.42 34.56
CA TYR B 24 11.57 -4.23 34.97
C TYR B 24 12.50 -3.44 35.88
N CYS B 25 12.77 -2.19 35.49
CA CYS B 25 13.65 -1.33 36.27
C CYS B 25 13.09 -1.11 37.67
N LEU B 26 11.79 -0.84 37.76
CA LEU B 26 11.17 -0.66 39.08
C LEU B 26 11.23 -1.94 39.90
N GLU B 27 11.13 -3.09 39.25
CA GLU B 27 11.11 -4.37 39.98
C GLU B 27 12.50 -4.72 40.54
N HIS B 28 13.52 -4.80 39.67
CA HIS B 28 14.82 -5.27 40.11
C HIS B 28 15.64 -4.20 40.84
N GLY B 29 15.22 -2.93 40.79
CA GLY B 29 15.88 -1.87 41.53
C GLY B 29 16.88 -1.08 40.71
N ILE B 30 16.58 -0.86 39.43
CA ILE B 30 17.46 -0.18 38.48
C ILE B 30 16.95 1.23 38.23
N GLN B 31 17.86 2.18 38.13
CA GLN B 31 17.54 3.59 37.92
C GLN B 31 17.32 3.87 36.43
N PRO B 32 17.04 5.13 36.07
CA PRO B 32 17.14 5.52 34.65
C PRO B 32 18.54 5.38 34.07
N ASP B 33 19.59 5.48 34.90
CA ASP B 33 20.95 5.37 34.38
C ASP B 33 21.33 3.93 34.08
N GLY B 34 20.93 3.01 34.95
CA GLY B 34 21.55 1.69 35.06
C GLY B 34 22.18 1.45 36.42
N GLN B 35 22.08 2.40 37.34
CA GLN B 35 22.68 2.37 38.66
C GLN B 35 21.86 1.49 39.62
N MET B 36 22.47 1.10 40.72
CA MET B 36 21.80 0.38 41.80
C MET B 36 22.23 0.90 43.16
N SER B 48 18.97 -14.03 39.61
CA SER B 48 18.47 -14.03 38.23
C SER B 48 17.94 -12.65 37.84
N PHE B 49 18.84 -11.66 37.89
CA PHE B 49 18.60 -10.32 37.39
C PHE B 49 19.18 -10.18 36.00
N ASN B 50 19.92 -11.19 35.55
CA ASN B 50 20.74 -11.16 34.36
C ASN B 50 20.02 -11.73 33.15
N THR B 51 18.79 -12.22 33.34
CA THR B 51 17.96 -12.62 32.21
C THR B 51 17.63 -11.41 31.34
N PHE B 52 17.54 -10.23 31.94
CA PHE B 52 17.17 -9.02 31.22
C PHE B 52 18.12 -7.85 31.42
N PHE B 53 19.26 -8.03 32.11
CA PHE B 53 20.19 -6.92 32.35
C PHE B 53 21.63 -7.44 32.47
N SER B 54 22.43 -7.20 31.43
CA SER B 54 23.86 -7.50 31.47
C SER B 54 24.62 -6.35 32.13
N GLU B 55 25.60 -6.69 32.98
CA GLU B 55 26.38 -5.70 33.71
C GLU B 55 27.50 -5.13 32.85
N THR B 56 27.88 -3.89 33.13
CA THR B 56 29.02 -3.24 32.48
C THR B 56 30.27 -3.46 33.33
N GLY B 57 31.32 -2.66 33.06
CA GLY B 57 32.47 -2.64 33.95
C GLY B 57 32.11 -2.24 35.37
N ALA B 58 31.24 -1.24 35.51
CA ALA B 58 30.76 -0.81 36.83
C ALA B 58 29.52 0.06 36.66
N GLY B 59 28.72 0.12 37.73
CA GLY B 59 27.55 0.98 37.77
C GLY B 59 26.41 0.55 36.88
N LYS B 60 26.51 0.90 35.59
CA LYS B 60 25.47 0.65 34.60
C LYS B 60 25.06 -0.82 34.53
N HIS B 61 23.84 -1.03 34.05
CA HIS B 61 23.36 -2.31 33.57
C HIS B 61 22.70 -2.06 32.22
N VAL B 62 22.91 -2.97 31.26
CA VAL B 62 22.46 -2.80 29.89
C VAL B 62 21.30 -3.75 29.64
N PRO B 63 20.11 -3.23 29.31
CA PRO B 63 19.00 -4.09 28.89
C PRO B 63 19.39 -5.00 27.73
N ARG B 64 19.23 -6.31 27.94
CA ARG B 64 19.50 -7.30 26.89
C ARG B 64 18.38 -7.18 25.85
N ALA B 65 18.51 -6.15 25.01
CA ALA B 65 17.40 -5.68 24.20
C ALA B 65 17.87 -5.28 22.80
N VAL B 66 16.88 -5.21 21.89
CA VAL B 66 17.04 -4.67 20.55
C VAL B 66 15.80 -3.87 20.20
N PHE B 67 16.00 -2.70 19.60
CA PHE B 67 14.90 -1.82 19.22
C PHE B 67 15.02 -1.48 17.75
N VAL B 68 13.97 -1.78 16.98
CA VAL B 68 13.96 -1.56 15.53
C VAL B 68 12.68 -0.84 15.14
N ASP B 69 12.82 0.18 14.29
CA ASP B 69 11.70 0.73 13.54
C ASP B 69 12.23 1.53 12.37
N LEU B 70 11.52 1.42 11.24
CA LEU B 70 11.91 2.13 10.03
C LEU B 70 11.49 3.59 10.08
N GLU B 71 10.47 3.91 10.89
CA GLU B 71 10.21 5.30 11.29
C GLU B 71 11.28 5.74 12.29
N PRO B 72 12.05 6.78 12.01
CA PRO B 72 12.99 7.27 13.02
C PRO B 72 12.29 7.89 14.22
N THR B 73 11.12 8.52 14.01
CA THR B 73 10.47 9.35 15.03
C THR B 73 10.16 8.60 16.32
N VAL B 74 9.87 7.31 16.20
CA VAL B 74 9.58 6.48 17.37
C VAL B 74 10.81 6.39 18.27
N ILE B 75 11.92 5.93 17.69
CA ILE B 75 13.13 5.71 18.47
C ILE B 75 13.86 7.02 18.78
N ASP B 76 13.66 8.07 17.98
CA ASP B 76 14.12 9.41 18.35
C ASP B 76 13.51 9.82 19.69
N GLU B 77 12.19 9.59 19.84
CA GLU B 77 11.53 9.84 21.11
C GLU B 77 12.23 9.12 22.24
N VAL B 78 12.50 7.83 22.05
CA VAL B 78 13.22 7.04 23.07
C VAL B 78 14.56 7.70 23.42
N ARG B 79 15.28 8.15 22.40
CA ARG B 79 16.62 8.70 22.55
C ARG B 79 16.66 10.06 23.25
N THR B 80 15.51 10.72 23.44
CA THR B 80 15.48 11.94 24.24
C THR B 80 14.73 11.83 25.56
N GLY B 81 14.05 10.71 25.83
CA GLY B 81 13.28 10.54 27.05
C GLY B 81 14.17 10.30 28.26
N THR B 82 13.52 10.09 29.42
CA THR B 82 14.25 9.76 30.64
C THR B 82 14.96 8.42 30.49
N TYR B 83 14.24 7.41 30.01
CA TYR B 83 14.84 6.13 29.63
C TYR B 83 15.53 6.34 28.29
N ARG B 84 16.86 6.55 28.36
CA ARG B 84 17.67 6.92 27.20
C ARG B 84 19.08 6.38 27.40
N GLN B 85 19.78 6.88 28.41
CA GLN B 85 21.13 6.42 28.75
C GLN B 85 21.13 5.11 29.53
N LEU B 86 19.95 4.56 29.82
CA LEU B 86 19.85 3.14 30.17
C LEU B 86 20.28 2.28 29.00
N PHE B 87 19.78 2.59 27.82
CA PHE B 87 20.09 1.86 26.60
C PHE B 87 21.48 2.23 26.09
N HIS B 88 22.12 1.26 25.44
CA HIS B 88 23.37 1.50 24.74
C HIS B 88 23.07 1.69 23.27
N PRO B 89 23.50 2.80 22.66
CA PRO B 89 23.12 3.11 21.28
C PRO B 89 23.45 2.06 20.20
N GLU B 90 24.23 1.03 20.55
CA GLU B 90 24.41 -0.12 19.65
C GLU B 90 23.06 -0.76 19.28
N GLN B 91 22.13 -0.76 20.23
CA GLN B 91 20.88 -1.50 20.10
C GLN B 91 19.87 -0.75 19.24
N LEU B 92 19.68 0.54 19.50
CA LEU B 92 18.65 1.35 18.86
C LEU B 92 18.99 1.55 17.39
N ILE B 93 18.29 0.85 16.52
CA ILE B 93 18.50 0.93 15.08
C ILE B 93 17.34 1.69 14.46
N THR B 94 17.63 2.47 13.41
CA THR B 94 16.62 3.23 12.69
C THR B 94 16.81 3.08 11.19
N GLY B 95 15.71 3.26 10.46
CA GLY B 95 15.70 3.16 9.01
C GLY B 95 15.69 4.51 8.34
N LYS B 96 15.18 4.51 7.09
CA LYS B 96 15.06 5.69 6.23
C LYS B 96 13.62 6.07 5.92
N GLU B 97 12.95 5.22 5.22
CA GLU B 97 11.56 5.42 4.90
C GLU B 97 10.79 4.30 5.57
N ASP B 98 9.62 4.62 6.11
CA ASP B 98 8.90 3.67 6.94
C ASP B 98 8.25 2.57 6.09
N ALA B 99 7.68 1.59 6.79
CA ALA B 99 7.10 0.42 6.14
C ALA B 99 5.81 0.73 5.40
N ALA B 100 5.12 1.82 5.76
CA ALA B 100 3.95 2.33 5.03
C ALA B 100 2.79 1.32 5.01
N ASN B 101 2.56 0.67 6.16
CA ASN B 101 1.50 -0.35 6.32
C ASN B 101 1.40 -1.25 5.11
N ASN B 102 2.54 -1.85 4.80
CA ASN B 102 2.70 -2.61 3.57
C ASN B 102 3.72 -3.72 3.87
N TYR B 103 3.21 -4.93 4.10
CA TYR B 103 4.01 -6.13 4.24
C TYR B 103 5.12 -6.22 3.19
N ALA B 104 4.80 -5.85 1.95
CA ALA B 104 5.74 -6.00 0.84
C ALA B 104 6.91 -5.02 0.90
N ARG B 105 6.84 -3.99 1.75
CA ARG B 105 8.00 -3.16 2.04
C ARG B 105 8.76 -3.67 3.26
N GLY B 106 8.04 -4.20 4.24
CA GLY B 106 8.68 -4.72 5.44
C GLY B 106 9.44 -6.01 5.23
N HIS B 107 8.97 -6.86 4.31
CA HIS B 107 9.62 -8.14 4.05
C HIS B 107 10.60 -8.06 2.89
N TYR B 108 10.12 -7.63 1.72
CA TYR B 108 10.91 -7.74 0.49
C TYR B 108 11.89 -6.58 0.32
N THR B 109 11.39 -5.34 0.30
CA THR B 109 12.20 -4.20 -0.16
C THR B 109 13.14 -3.67 0.92
N ILE B 110 12.61 -2.90 1.89
CA ILE B 110 13.46 -2.26 2.90
C ILE B 110 13.87 -3.25 3.99
N GLY B 111 13.14 -4.36 4.15
CA GLY B 111 13.56 -5.39 5.08
C GLY B 111 14.89 -6.02 4.70
N LYS B 112 14.99 -6.46 3.45
CA LYS B 112 16.23 -7.01 2.89
C LYS B 112 17.18 -5.86 2.63
N GLU B 113 17.64 -5.26 3.74
CA GLU B 113 18.65 -4.20 3.72
C GLU B 113 19.29 -4.07 5.09
N ILE B 114 18.48 -3.84 6.13
CA ILE B 114 18.95 -3.64 7.50
C ILE B 114 18.76 -4.86 8.39
N ILE B 115 18.06 -5.89 7.91
CA ILE B 115 17.87 -7.10 8.73
C ILE B 115 19.21 -7.69 9.14
N ASP B 116 20.22 -7.63 8.26
CA ASP B 116 21.51 -8.25 8.52
C ASP B 116 22.17 -7.62 9.75
N LEU B 117 22.14 -6.30 9.81
CA LEU B 117 22.67 -5.55 10.94
C LEU B 117 22.02 -6.01 12.24
N VAL B 118 20.68 -6.10 12.22
CA VAL B 118 19.98 -6.51 13.43
C VAL B 118 20.38 -7.94 13.83
N LEU B 119 20.52 -8.83 12.84
CA LEU B 119 20.94 -10.20 13.11
C LEU B 119 22.31 -10.23 13.76
N ASP B 120 23.23 -9.43 13.23
CA ASP B 120 24.58 -9.38 13.79
C ASP B 120 24.54 -8.90 15.24
N ARG B 121 23.73 -7.88 15.51
CA ARG B 121 23.56 -7.39 16.89
C ARG B 121 23.05 -8.50 17.80
N ILE B 122 22.04 -9.25 17.32
CA ILE B 122 21.48 -10.35 18.08
C ILE B 122 22.56 -11.39 18.39
N ARG B 123 23.36 -11.73 17.38
CA ARG B 123 24.44 -12.69 17.55
C ARG B 123 25.41 -12.22 18.62
N LYS B 124 25.79 -10.94 18.55
CA LYS B 124 26.69 -10.35 19.53
C LYS B 124 26.12 -10.49 20.94
N LEU B 125 24.82 -10.19 21.07
CA LEU B 125 24.19 -10.24 22.38
C LEU B 125 24.16 -11.68 22.89
N ALA B 126 23.90 -12.64 22.00
CA ALA B 126 23.92 -14.05 22.35
C ALA B 126 25.29 -14.47 22.87
N ASP B 127 26.35 -14.00 22.20
CA ASP B 127 27.71 -14.30 22.63
C ASP B 127 28.00 -13.76 24.03
N GLN B 128 27.07 -13.06 24.68
CA GLN B 128 27.10 -12.80 26.12
C GLN B 128 26.41 -13.90 26.91
N CYS B 129 25.25 -14.36 26.44
CA CYS B 129 24.50 -15.42 27.12
C CYS B 129 25.25 -16.74 27.12
N THR B 130 25.59 -17.24 28.31
CA THR B 130 26.01 -18.62 28.47
C THR B 130 24.83 -19.55 28.23
N GLY B 131 23.78 -19.36 29.03
CA GLY B 131 22.52 -20.04 28.85
C GLY B 131 21.52 -19.12 28.16
N LEU B 132 21.60 -19.05 26.84
CA LEU B 132 20.61 -18.34 26.04
C LEU B 132 19.36 -19.18 26.02
N GLN B 133 18.38 -18.74 26.80
CA GLN B 133 17.16 -19.49 26.95
C GLN B 133 16.27 -19.26 25.71
N GLY B 134 16.05 -17.99 25.35
CA GLY B 134 15.36 -17.68 24.09
C GLY B 134 15.20 -16.20 23.86
N PHE B 135 14.16 -15.86 23.09
CA PHE B 135 13.88 -14.50 22.63
C PHE B 135 12.50 -14.02 23.05
N LEU B 136 12.30 -12.71 22.92
CA LEU B 136 10.99 -12.09 22.97
C LEU B 136 10.86 -11.12 21.80
N VAL B 137 9.77 -11.26 21.05
CA VAL B 137 9.46 -10.41 19.89
C VAL B 137 8.15 -9.70 20.16
N PHE B 138 8.16 -8.36 20.07
CA PHE B 138 6.98 -7.53 20.24
C PHE B 138 6.72 -6.76 18.95
N HIS B 139 5.49 -6.86 18.45
CA HIS B 139 5.18 -6.39 17.10
C HIS B 139 3.71 -6.00 16.98
N SER B 140 3.09 -6.34 15.84
CA SER B 140 1.66 -6.14 15.63
C SER B 140 1.16 -6.80 14.35
N PHE B 141 0.17 -7.69 14.45
CA PHE B 141 -0.61 -8.13 13.30
C PHE B 141 -1.43 -6.93 12.83
N GLY B 142 -0.77 -5.96 12.18
CA GLY B 142 -1.47 -4.72 11.84
C GLY B 142 -0.60 -3.53 11.47
N GLY B 143 0.66 -3.55 11.91
CA GLY B 143 1.63 -2.59 11.39
C GLY B 143 2.28 -3.08 10.12
N GLY B 144 2.87 -2.14 9.38
CA GLY B 144 3.62 -2.50 8.19
C GLY B 144 4.96 -3.09 8.54
N THR B 145 5.68 -2.43 9.43
CA THR B 145 6.92 -2.99 9.99
C THR B 145 6.64 -4.36 10.59
N GLY B 146 5.72 -4.39 11.56
CA GLY B 146 5.48 -5.55 12.39
C GLY B 146 4.89 -6.76 11.69
N SER B 147 4.44 -6.62 10.44
CA SER B 147 3.81 -7.74 9.75
C SER B 147 4.77 -8.54 8.86
N GLY B 148 5.68 -7.87 8.17
CA GLY B 148 6.59 -8.55 7.27
C GLY B 148 8.01 -8.62 7.81
N PHE B 149 8.49 -7.49 8.35
CA PHE B 149 9.84 -7.46 8.89
C PHE B 149 9.99 -8.46 10.02
N THR B 150 8.99 -8.50 10.91
CA THR B 150 8.96 -9.45 12.02
C THR B 150 9.11 -10.87 11.51
N SER B 151 8.30 -11.23 10.52
CA SER B 151 8.35 -12.54 9.88
C SER B 151 9.75 -12.85 9.37
N LEU B 152 10.33 -11.90 8.65
CA LEU B 152 11.67 -12.05 8.10
C LEU B 152 12.68 -12.34 9.21
N LEU B 153 12.60 -11.56 10.29
CA LEU B 153 13.49 -11.74 11.42
C LEU B 153 13.34 -13.13 12.03
N MET B 154 12.09 -13.56 12.21
CA MET B 154 11.81 -14.89 12.74
C MET B 154 12.44 -15.96 11.87
N GLU B 155 12.27 -15.83 10.55
CA GLU B 155 12.85 -16.76 9.59
C GLU B 155 14.36 -16.84 9.75
N ARG B 156 15.00 -15.68 9.83
CA ARG B 156 16.45 -15.64 9.97
C ARG B 156 16.90 -16.29 11.26
N LEU B 157 16.17 -16.03 12.36
CA LEU B 157 16.50 -16.64 13.63
C LEU B 157 16.36 -18.16 13.57
N SER B 158 15.31 -18.65 12.91
CA SER B 158 15.13 -20.08 12.71
C SER B 158 16.30 -20.68 11.95
N VAL B 159 16.72 -19.99 10.88
CA VAL B 159 17.86 -20.43 10.07
C VAL B 159 19.11 -20.56 10.95
N ASP B 160 19.32 -19.57 11.83
CA ASP B 160 20.53 -19.55 12.64
C ASP B 160 20.48 -20.59 13.76
N TYR B 161 19.49 -20.48 14.64
CA TYR B 161 19.48 -21.24 15.89
C TYR B 161 18.56 -22.46 15.82
N GLY B 162 17.28 -22.24 15.51
CA GLY B 162 16.33 -23.33 15.38
C GLY B 162 15.86 -23.90 16.71
N LYS B 163 16.79 -24.54 17.43
CA LYS B 163 16.47 -25.16 18.72
C LYS B 163 16.03 -24.16 19.77
N LYS B 164 16.48 -22.90 19.68
CA LYS B 164 16.23 -21.93 20.72
C LYS B 164 14.75 -21.53 20.82
N SER B 165 14.37 -21.05 22.00
CA SER B 165 12.99 -20.70 22.31
C SER B 165 12.62 -19.34 21.73
N LYS B 166 11.43 -19.26 21.12
CA LYS B 166 10.99 -18.05 20.46
C LYS B 166 9.54 -17.73 20.81
N LEU B 167 9.30 -16.47 21.18
CA LEU B 167 7.98 -15.97 21.56
C LEU B 167 7.61 -14.73 20.76
N GLU B 168 6.31 -14.63 20.46
CA GLU B 168 5.72 -13.45 19.81
C GLU B 168 4.59 -12.91 20.67
N PHE B 169 4.66 -11.61 20.98
CA PHE B 169 3.55 -10.90 21.61
C PHE B 169 2.82 -10.14 20.51
N SER B 170 1.65 -10.66 20.12
CA SER B 170 0.99 -10.28 18.87
C SER B 170 -0.31 -9.54 19.17
N ILE B 171 -0.38 -8.29 18.71
CA ILE B 171 -1.55 -7.45 18.92
C ILE B 171 -2.53 -7.74 17.80
N TYR B 172 -3.59 -8.45 18.12
CA TYR B 172 -4.52 -9.01 17.17
C TYR B 172 -5.45 -7.93 16.61
N PRO B 173 -5.92 -8.09 15.37
CA PRO B 173 -6.95 -7.19 14.83
C PRO B 173 -8.29 -7.38 15.55
N ALA B 174 -8.80 -6.29 16.12
CA ALA B 174 -10.08 -6.33 16.84
C ALA B 174 -11.23 -6.49 15.84
N PRO B 175 -12.04 -7.56 15.96
CA PRO B 175 -13.09 -7.87 14.97
C PRO B 175 -13.93 -6.70 14.47
N GLN B 176 -14.42 -5.86 15.39
CA GLN B 176 -15.28 -4.74 15.03
C GLN B 176 -14.49 -3.48 14.72
N VAL B 177 -13.65 -3.06 15.66
CA VAL B 177 -12.91 -1.80 15.60
C VAL B 177 -11.71 -1.99 14.68
N SER B 178 -11.55 -1.18 13.67
CA SER B 178 -10.20 -1.30 13.20
C SER B 178 -9.62 0.02 12.72
N THR B 179 -8.31 -0.03 12.62
CA THR B 179 -7.38 1.07 12.75
C THR B 179 -6.81 1.44 11.39
N ALA B 180 -6.29 0.44 10.68
CA ALA B 180 -5.76 0.58 9.34
C ALA B 180 -6.77 0.11 8.31
N VAL B 181 -6.50 0.44 7.05
CA VAL B 181 -7.34 -0.01 5.94
C VAL B 181 -6.93 -1.39 5.46
N VAL B 182 -5.64 -1.73 5.55
CA VAL B 182 -5.15 -3.03 5.12
C VAL B 182 -4.52 -3.77 6.32
N GLU B 183 -5.18 -3.65 7.48
CA GLU B 183 -4.94 -4.59 8.58
C GLU B 183 -5.25 -6.05 8.19
N PRO B 184 -6.32 -6.34 7.43
CA PRO B 184 -6.65 -7.75 7.14
C PRO B 184 -5.62 -8.49 6.28
N TYR B 185 -5.11 -7.83 5.23
CA TYR B 185 -4.09 -8.46 4.38
C TYR B 185 -2.82 -8.74 5.17
N ASN B 186 -2.34 -7.71 5.88
CA ASN B 186 -1.08 -7.77 6.61
C ASN B 186 -1.09 -8.94 7.58
N SER B 187 -2.15 -9.02 8.39
CA SER B 187 -2.27 -10.08 9.38
C SER B 187 -2.18 -11.45 8.72
N ILE B 188 -2.93 -11.62 7.61
CA ILE B 188 -2.94 -12.93 6.98
C ILE B 188 -1.55 -13.28 6.41
N LEU B 189 -0.86 -12.28 5.85
CA LEU B 189 0.50 -12.53 5.34
C LEU B 189 1.44 -12.94 6.46
N THR B 190 1.36 -12.24 7.60
CA THR B 190 2.14 -12.58 8.78
C THR B 190 1.88 -14.03 9.18
N THR B 191 0.59 -14.41 9.22
CA THR B 191 0.22 -15.78 9.56
C THR B 191 0.85 -16.77 8.61
N HIS B 192 0.82 -16.46 7.31
CA HIS B 192 1.42 -17.34 6.31
C HIS B 192 2.87 -17.66 6.65
N THR B 193 3.63 -16.65 7.09
CA THR B 193 5.07 -16.82 7.26
C THR B 193 5.52 -17.18 8.68
N THR B 194 4.96 -16.53 9.71
CA THR B 194 5.35 -16.77 11.09
C THR B 194 4.94 -18.16 11.57
N LEU B 195 3.78 -18.64 11.10
CA LEU B 195 3.17 -19.88 11.62
C LEU B 195 4.12 -21.07 11.61
N GLU B 196 5.01 -21.16 10.62
CA GLU B 196 5.92 -22.30 10.48
C GLU B 196 7.31 -22.01 11.05
N HIS B 197 7.39 -21.17 12.08
CA HIS B 197 8.66 -20.84 12.73
C HIS B 197 8.46 -20.63 14.24
N SER B 198 7.64 -19.64 14.61
CA SER B 198 7.48 -19.28 16.01
C SER B 198 6.64 -20.33 16.72
N ASP B 199 7.25 -20.99 17.71
CA ASP B 199 6.59 -22.10 18.41
C ASP B 199 5.46 -21.65 19.31
N CYS B 200 5.48 -20.39 19.76
CA CYS B 200 4.48 -19.89 20.69
C CYS B 200 4.24 -18.40 20.47
N ALA B 201 2.97 -18.01 20.47
CA ALA B 201 2.57 -16.61 20.29
C ALA B 201 1.52 -16.25 21.33
N PHE B 202 1.79 -15.21 22.12
CA PHE B 202 0.86 -14.72 23.14
C PHE B 202 0.16 -13.46 22.63
N MET B 203 -1.17 -13.47 22.63
CA MET B 203 -1.95 -12.51 21.87
C MET B 203 -2.99 -11.78 22.73
N VAL B 204 -3.14 -10.48 22.45
CA VAL B 204 -4.20 -9.65 22.99
C VAL B 204 -4.79 -8.82 21.86
N ASP B 205 -5.95 -8.20 22.13
CA ASP B 205 -6.42 -7.08 21.33
C ASP B 205 -6.83 -5.93 22.22
N ASN B 206 -6.93 -4.75 21.59
CA ASN B 206 -7.11 -3.50 22.32
C ASN B 206 -8.53 -3.30 22.81
N GLU B 207 -9.51 -3.79 22.05
CA GLU B 207 -10.92 -3.64 22.40
C GLU B 207 -11.21 -4.24 23.77
N ALA B 208 -10.73 -5.46 23.99
CA ALA B 208 -10.92 -6.14 25.27
C ALA B 208 -10.29 -5.37 26.40
N ILE B 209 -9.07 -4.87 26.18
CA ILE B 209 -8.37 -4.11 27.22
C ILE B 209 -9.17 -2.86 27.58
N TYR B 210 -9.68 -2.19 26.55
CA TYR B 210 -10.51 -1.02 26.74
C TYR B 210 -11.74 -1.35 27.59
N ASP B 211 -12.43 -2.44 27.24
CA ASP B 211 -13.58 -2.92 28.00
C ASP B 211 -13.20 -3.11 29.47
N ILE B 212 -12.07 -3.78 29.70
CA ILE B 212 -11.61 -4.07 31.05
C ILE B 212 -11.36 -2.77 31.81
N CYS B 213 -10.73 -1.80 31.15
CA CYS B 213 -10.50 -0.49 31.77
C CYS B 213 -11.80 0.17 32.16
N ARG B 214 -12.80 0.11 31.28
CA ARG B 214 -14.10 0.72 31.55
C ARG B 214 -14.78 0.06 32.75
N ARG B 215 -14.81 -1.27 32.76
CA ARG B 215 -15.63 -2.00 33.75
C ARG B 215 -14.91 -2.15 35.09
N ASN B 216 -13.77 -2.86 35.09
CA ASN B 216 -13.12 -3.26 36.34
C ASN B 216 -12.34 -2.11 36.98
N LEU B 217 -11.76 -1.22 36.18
CA LEU B 217 -10.96 -0.11 36.69
C LEU B 217 -11.71 1.21 36.71
N ASP B 218 -12.91 1.28 36.11
CA ASP B 218 -13.74 2.49 36.08
C ASP B 218 -13.05 3.66 35.36
N ILE B 219 -12.19 3.36 34.40
CA ILE B 219 -11.46 4.38 33.66
C ILE B 219 -12.29 4.81 32.46
N GLU B 220 -12.62 6.10 32.38
CA GLU B 220 -13.48 6.63 31.33
C GLU B 220 -12.72 7.02 30.06
N ARG B 221 -11.39 7.12 30.13
CA ARG B 221 -10.56 7.56 29.00
C ARG B 221 -9.59 6.46 28.62
N PRO B 222 -9.84 5.75 27.54
CA PRO B 222 -8.94 4.64 27.21
C PRO B 222 -7.86 5.06 26.20
N THR B 223 -6.62 4.93 26.65
CA THR B 223 -5.45 5.49 25.98
C THR B 223 -4.34 4.43 25.95
N TYR B 224 -3.30 4.70 25.16
CA TYR B 224 -2.30 3.68 24.83
C TYR B 224 -1.35 3.37 25.98
N THR B 225 -1.06 4.36 26.84
CA THR B 225 -0.04 4.17 27.87
C THR B 225 -0.48 3.15 28.91
N ASN B 226 -1.67 3.36 29.47
CA ASN B 226 -2.20 2.46 30.49
C ASN B 226 -2.42 1.06 29.92
N LEU B 227 -2.92 0.99 28.68
CA LEU B 227 -3.08 -0.27 27.97
C LEU B 227 -1.75 -1.02 27.87
N ASN B 228 -0.71 -0.29 27.45
CA ASN B 228 0.62 -0.88 27.34
C ASN B 228 1.12 -1.38 28.69
N ARG B 229 0.85 -0.61 29.75
CA ARG B 229 1.22 -1.02 31.10
C ARG B 229 0.60 -2.36 31.47
N LEU B 230 -0.68 -2.55 31.12
CA LEU B 230 -1.34 -3.84 31.38
C LEU B 230 -0.59 -4.98 30.69
N ILE B 231 -0.26 -4.78 29.41
CA ILE B 231 0.48 -5.81 28.68
C ILE B 231 1.84 -6.08 29.34
N SER B 232 2.51 -5.00 29.78
CA SER B 232 3.78 -5.12 30.47
C SER B 232 3.66 -5.98 31.70
N GLN B 233 2.59 -5.77 32.48
CA GLN B 233 2.36 -6.58 33.68
C GLN B 233 2.24 -8.06 33.32
N ILE B 234 1.47 -8.37 32.26
CA ILE B 234 1.36 -9.75 31.80
C ILE B 234 2.74 -10.32 31.46
N VAL B 235 3.54 -9.54 30.71
CA VAL B 235 4.87 -9.97 30.31
C VAL B 235 5.70 -10.30 31.54
N SER B 236 5.66 -9.40 32.54
CA SER B 236 6.39 -9.59 33.78
C SER B 236 5.97 -10.87 34.48
N SER B 237 4.67 -11.12 34.53
CA SER B 237 4.15 -12.33 35.16
C SER B 237 4.67 -13.56 34.43
N ILE B 238 4.66 -13.53 33.10
CA ILE B 238 5.16 -14.66 32.30
C ILE B 238 6.62 -14.91 32.63
N THR B 239 7.41 -13.83 32.74
CA THR B 239 8.85 -13.97 32.91
C THR B 239 9.21 -14.47 34.32
N ALA B 240 8.67 -13.81 35.35
CA ALA B 240 9.20 -13.86 36.73
C ALA B 240 9.65 -15.23 37.20
N SER B 241 9.05 -16.29 36.66
CA SER B 241 9.54 -17.65 36.89
C SER B 241 11.02 -17.80 36.59
N LEU B 242 11.50 -17.15 35.52
CA LEU B 242 12.94 -17.08 35.22
C LEU B 242 13.63 -16.01 36.06
N ARG B 243 12.96 -14.87 36.25
CA ARG B 243 13.55 -13.72 36.92
C ARG B 243 13.60 -13.87 38.44
N PHE B 244 12.84 -14.80 39.02
CA PHE B 244 12.69 -14.83 40.47
C PHE B 244 12.45 -16.25 40.97
N ASP B 245 12.51 -16.41 42.30
CA ASP B 245 12.37 -17.69 42.97
C ASP B 245 10.91 -18.12 43.04
N GLY B 246 10.67 -19.32 43.57
CA GLY B 246 9.32 -19.82 43.80
C GLY B 246 9.18 -21.31 43.65
N ALA B 247 8.36 -21.94 44.49
CA ALA B 247 8.02 -23.34 44.31
C ALA B 247 7.14 -23.49 43.07
N LEU B 248 7.31 -24.60 42.36
CA LEU B 248 6.70 -24.82 41.05
C LEU B 248 7.09 -23.70 40.09
N ASN B 249 8.31 -23.74 39.58
CA ASN B 249 8.81 -22.75 38.63
C ASN B 249 8.56 -23.17 37.19
N VAL B 250 8.83 -22.22 36.29
CA VAL B 250 8.48 -22.34 34.88
C VAL B 250 9.64 -21.85 34.00
N ASP B 251 9.75 -22.47 32.83
CA ASP B 251 10.72 -22.16 31.78
C ASP B 251 9.94 -21.79 30.53
N LEU B 252 10.57 -21.04 29.63
CA LEU B 252 9.93 -20.73 28.35
C LEU B 252 9.65 -22.01 27.55
N THR B 253 10.63 -22.93 27.53
CA THR B 253 10.46 -24.21 26.85
C THR B 253 9.29 -24.99 27.43
N GLU B 254 9.03 -24.83 28.73
CA GLU B 254 7.90 -25.50 29.34
C GLU B 254 6.58 -25.01 28.75
N PHE B 255 6.49 -23.71 28.45
CA PHE B 255 5.31 -23.19 27.74
C PHE B 255 5.14 -23.88 26.42
N GLN B 256 6.24 -24.00 25.65
CA GLN B 256 6.13 -24.65 24.34
C GLN B 256 5.60 -26.08 24.51
N THR B 257 6.17 -26.80 25.48
CA THR B 257 5.75 -28.19 25.72
C THR B 257 4.28 -28.24 26.15
N ASN B 258 3.88 -27.30 27.01
CA ASN B 258 2.57 -27.36 27.68
C ASN B 258 1.45 -26.83 26.79
N LEU B 259 1.69 -25.76 26.02
CA LEU B 259 0.63 -25.06 25.31
C LEU B 259 0.70 -25.24 23.79
N VAL B 260 1.33 -26.31 23.32
CA VAL B 260 1.37 -26.59 21.89
C VAL B 260 1.06 -28.06 21.68
N PRO B 261 -0.21 -28.44 21.63
CA PRO B 261 -0.57 -29.86 21.44
C PRO B 261 -0.17 -30.36 20.07
N TYR B 262 -0.61 -29.67 19.04
CA TYR B 262 -0.18 -29.90 17.68
C TYR B 262 0.70 -28.73 17.25
N PRO B 263 1.74 -28.97 16.44
CA PRO B 263 2.79 -27.94 16.25
C PRO B 263 2.30 -26.67 15.59
N ARG B 264 1.22 -26.74 14.80
CA ARG B 264 0.67 -25.57 14.13
C ARG B 264 -0.20 -24.73 15.05
N ILE B 265 -1.02 -25.37 15.89
CA ILE B 265 -1.90 -24.65 16.82
C ILE B 265 -1.04 -24.19 17.99
N HIS B 266 -0.74 -22.90 18.04
CA HIS B 266 0.05 -22.33 19.12
C HIS B 266 -0.27 -20.84 19.29
N PHE B 267 -1.54 -20.52 19.53
CA PHE B 267 -1.99 -19.14 19.69
C PHE B 267 -2.76 -18.95 21.00
N PRO B 268 -2.04 -18.88 22.12
CA PRO B 268 -2.63 -18.49 23.40
C PRO B 268 -3.34 -17.15 23.42
N LEU B 269 -4.37 -17.09 24.26
CA LEU B 269 -4.88 -15.85 24.81
C LEU B 269 -4.16 -15.58 26.13
N ALA B 270 -4.36 -14.38 26.65
CA ALA B 270 -3.79 -13.99 27.92
C ALA B 270 -4.87 -13.34 28.77
N THR B 271 -4.59 -13.24 30.07
CA THR B 271 -5.37 -12.42 30.98
C THR B 271 -4.65 -12.27 32.30
N TYR B 272 -4.90 -11.14 32.94
CA TYR B 272 -4.25 -10.75 34.17
C TYR B 272 -5.33 -10.27 35.13
N ALA B 273 -5.41 -10.91 36.30
CA ALA B 273 -6.25 -10.46 37.40
C ALA B 273 -5.42 -10.46 38.67
N PRO B 274 -5.71 -9.55 39.63
CA PRO B 274 -6.78 -8.55 39.63
C PRO B 274 -6.54 -7.32 38.74
N VAL B 275 -7.62 -6.75 38.21
CA VAL B 275 -7.58 -5.50 37.47
C VAL B 275 -8.38 -4.46 38.25
N ILE B 276 -7.85 -4.03 39.39
CA ILE B 276 -8.64 -3.33 40.41
C ILE B 276 -8.04 -1.97 40.72
N SER B 277 -8.91 -0.97 40.84
CA SER B 277 -8.55 0.43 41.09
C SER B 277 -8.17 0.64 42.55
N ALA B 278 -7.99 1.91 42.95
CA ALA B 278 -7.63 2.24 44.33
C ALA B 278 -8.78 2.00 45.30
N GLU B 279 -10.00 2.38 44.91
CA GLU B 279 -11.16 2.14 45.77
C GLU B 279 -11.52 0.67 45.84
N LYS B 280 -11.76 0.05 44.67
CA LYS B 280 -12.32 -1.30 44.60
C LYS B 280 -11.42 -2.39 45.19
N ALA B 281 -10.15 -2.06 45.49
CA ALA B 281 -9.31 -2.98 46.25
C ALA B 281 -9.86 -3.20 47.65
N TYR B 282 -10.33 -2.13 48.28
CA TYR B 282 -11.14 -2.20 49.48
C TYR B 282 -12.58 -2.49 49.06
N HIS B 283 -13.42 -2.87 50.03
CA HIS B 283 -14.68 -3.55 49.76
C HIS B 283 -14.43 -4.88 49.02
N GLU B 284 -13.30 -5.53 49.31
CA GLU B 284 -12.88 -6.75 48.62
C GLU B 284 -11.72 -7.40 49.39
N GLN B 285 -11.77 -8.74 49.52
CA GLN B 285 -10.74 -9.52 50.24
C GLN B 285 -9.57 -9.90 49.33
N LEU B 286 -9.90 -10.33 48.10
CA LEU B 286 -8.98 -10.85 47.10
C LEU B 286 -8.41 -12.18 47.57
N SER B 287 -9.22 -13.21 47.49
CA SER B 287 -8.77 -14.56 47.76
C SER B 287 -8.25 -15.18 46.48
N VAL B 288 -7.58 -16.31 46.64
CA VAL B 288 -6.96 -17.02 45.51
C VAL B 288 -8.03 -17.58 44.58
N ALA B 289 -9.02 -18.28 45.17
CA ALA B 289 -10.12 -18.86 44.40
C ALA B 289 -10.89 -17.78 43.66
N GLU B 290 -11.16 -16.67 44.34
CA GLU B 290 -11.84 -15.53 43.75
C GLU B 290 -11.09 -15.04 42.52
N ILE B 291 -9.77 -14.88 42.67
CA ILE B 291 -8.93 -14.39 41.57
C ILE B 291 -8.99 -15.35 40.39
N THR B 292 -8.91 -16.66 40.68
CA THR B 292 -9.00 -17.67 39.63
C THR B 292 -10.31 -17.56 38.89
N ASN B 293 -11.41 -17.42 39.64
CA ASN B 293 -12.73 -17.26 39.04
C ASN B 293 -12.78 -16.05 38.12
N ALA B 294 -12.21 -14.93 38.60
CA ALA B 294 -12.15 -13.70 37.80
C ALA B 294 -11.40 -13.93 36.51
N CYS B 295 -10.26 -14.62 36.58
CA CYS B 295 -9.49 -14.94 35.38
C CYS B 295 -10.30 -15.73 34.37
N PHE B 296 -11.12 -16.67 34.84
CA PHE B 296 -11.93 -17.48 33.92
C PHE B 296 -13.23 -16.82 33.48
N GLU B 297 -13.46 -15.55 33.83
CA GLU B 297 -14.69 -14.85 33.47
C GLU B 297 -14.72 -14.51 31.97
N PRO B 298 -15.87 -14.66 31.30
CA PRO B 298 -15.98 -14.33 29.85
C PRO B 298 -15.48 -12.94 29.48
N ALA B 299 -15.78 -11.93 30.29
CA ALA B 299 -15.45 -10.55 29.97
C ALA B 299 -13.99 -10.19 30.26
N ASN B 300 -13.37 -10.82 31.28
CA ASN B 300 -12.02 -10.46 31.71
C ASN B 300 -10.93 -10.97 30.76
N GLN B 301 -11.30 -11.62 29.69
CA GLN B 301 -10.39 -12.18 28.72
C GLN B 301 -9.89 -11.04 27.82
N MET B 302 -8.62 -11.12 27.39
CA MET B 302 -7.97 -10.01 26.70
C MET B 302 -8.14 -10.05 25.19
N VAL B 303 -9.10 -10.83 24.69
CA VAL B 303 -9.48 -10.83 23.28
C VAL B 303 -10.98 -11.01 23.15
N LYS B 304 -11.51 -10.56 22.00
CA LYS B 304 -12.93 -10.71 21.67
C LYS B 304 -13.19 -12.16 21.29
N CYS B 305 -13.42 -12.98 22.32
CA CYS B 305 -13.59 -14.42 22.14
C CYS B 305 -14.31 -14.96 23.36
N ASP B 306 -15.53 -15.45 23.17
CA ASP B 306 -16.30 -16.07 24.24
C ASP B 306 -15.77 -17.47 24.51
N PRO B 307 -15.20 -17.75 25.69
CA PRO B 307 -14.65 -19.09 25.95
C PRO B 307 -15.71 -20.18 26.07
N ARG B 308 -17.00 -19.80 26.18
CA ARG B 308 -18.09 -20.77 26.14
C ARG B 308 -18.36 -21.32 24.75
N HIS B 309 -17.85 -20.66 23.70
CA HIS B 309 -18.10 -21.03 22.31
C HIS B 309 -17.05 -21.98 21.76
N GLY B 310 -16.65 -22.97 22.57
CA GLY B 310 -15.55 -23.86 22.23
C GLY B 310 -15.13 -24.67 23.45
N LYS B 311 -13.83 -25.01 23.49
CA LYS B 311 -13.25 -25.77 24.59
C LYS B 311 -11.80 -25.35 24.81
N TYR B 312 -11.40 -25.13 26.07
CA TYR B 312 -9.98 -24.93 26.40
C TYR B 312 -9.22 -26.22 26.20
N MET B 313 -8.19 -26.20 25.34
CA MET B 313 -7.31 -27.36 25.19
C MET B 313 -6.32 -27.46 26.34
N ALA B 314 -5.44 -26.46 26.45
CA ALA B 314 -4.34 -26.47 27.38
C ALA B 314 -4.24 -25.11 28.05
N CYS B 315 -4.14 -25.10 29.39
CA CYS B 315 -4.17 -23.88 30.17
C CYS B 315 -3.00 -23.82 31.14
N CYS B 316 -2.40 -22.63 31.26
CA CYS B 316 -1.34 -22.37 32.22
C CYS B 316 -1.63 -21.11 33.03
N LEU B 317 -1.37 -21.20 34.34
CA LEU B 317 -1.76 -20.18 35.30
C LEU B 317 -0.55 -19.86 36.17
N LEU B 318 -0.14 -18.58 36.20
CA LEU B 318 1.12 -18.15 36.82
C LEU B 318 0.84 -17.24 38.02
N TYR B 319 0.62 -17.86 39.17
CA TYR B 319 0.26 -17.15 40.39
C TYR B 319 1.50 -16.47 40.98
N ARG B 320 1.28 -15.31 41.63
CA ARG B 320 2.38 -14.49 42.12
C ARG B 320 2.12 -13.99 43.54
N GLY B 321 3.21 -13.80 44.29
CA GLY B 321 3.13 -13.24 45.64
C GLY B 321 2.68 -14.25 46.69
N ASP B 322 1.99 -13.72 47.72
CA ASP B 322 1.44 -14.54 48.80
C ASP B 322 0.40 -15.51 48.27
N VAL B 323 0.83 -16.76 48.03
CA VAL B 323 -0.03 -17.79 47.49
C VAL B 323 0.30 -19.11 48.18
N VAL B 324 -0.71 -19.95 48.30
CA VAL B 324 -0.60 -21.30 48.87
C VAL B 324 -1.01 -22.31 47.81
N PRO B 325 -0.25 -23.41 47.65
CA PRO B 325 -0.57 -24.41 46.61
C PRO B 325 -1.91 -25.09 46.81
N LYS B 326 -2.23 -25.46 48.06
CA LYS B 326 -3.47 -26.17 48.35
C LYS B 326 -4.69 -25.34 47.93
N ASP B 327 -4.67 -24.03 48.25
CA ASP B 327 -5.75 -23.12 47.86
C ASP B 327 -5.94 -23.13 46.36
N VAL B 328 -4.84 -23.01 45.62
CA VAL B 328 -4.87 -23.00 44.16
C VAL B 328 -5.47 -24.29 43.65
N ASN B 329 -5.05 -25.42 44.22
CA ASN B 329 -5.59 -26.72 43.84
C ASN B 329 -7.08 -26.77 44.04
N ALA B 330 -7.54 -26.28 45.20
CA ALA B 330 -8.97 -26.24 45.51
C ALA B 330 -9.72 -25.41 44.48
N ALA B 331 -9.17 -24.25 44.15
CA ALA B 331 -9.77 -23.38 43.15
C ALA B 331 -9.90 -24.08 41.82
N ILE B 332 -8.83 -24.78 41.40
CA ILE B 332 -8.84 -25.48 40.13
C ILE B 332 -9.89 -26.58 40.15
N ALA B 333 -10.01 -27.29 41.27
CA ALA B 333 -11.05 -28.32 41.42
C ALA B 333 -12.43 -27.71 41.26
N THR B 334 -12.66 -26.57 41.92
CA THR B 334 -13.93 -25.86 41.80
C THR B 334 -14.23 -25.52 40.35
N ILE B 335 -13.23 -24.99 39.64
CA ILE B 335 -13.39 -24.63 38.23
C ILE B 335 -13.77 -25.85 37.41
N LYS B 336 -13.09 -26.97 37.66
CA LYS B 336 -13.38 -28.22 36.95
C LYS B 336 -14.82 -28.65 37.21
N THR B 337 -15.28 -28.52 38.45
CA THR B 337 -16.64 -28.86 38.81
C THR B 337 -17.66 -28.08 37.98
N LYS B 338 -17.42 -26.78 37.76
CA LYS B 338 -18.33 -25.95 36.98
C LYS B 338 -18.56 -26.54 35.59
N ARG B 339 -19.83 -26.83 35.27
CA ARG B 339 -20.17 -27.51 34.03
C ARG B 339 -20.18 -26.58 32.81
N THR B 340 -20.27 -25.26 33.03
CA THR B 340 -20.33 -24.31 31.92
C THR B 340 -18.99 -24.19 31.20
N ILE B 341 -17.89 -24.12 31.95
CA ILE B 341 -16.54 -23.95 31.41
C ILE B 341 -16.10 -25.31 30.87
N GLN B 342 -16.26 -25.52 29.56
CA GLN B 342 -15.99 -26.82 28.95
C GLN B 342 -14.50 -27.01 28.67
N PHE B 343 -14.07 -28.27 28.75
CA PHE B 343 -12.73 -28.70 28.40
C PHE B 343 -12.81 -29.73 27.28
N VAL B 344 -11.66 -30.02 26.69
CA VAL B 344 -11.56 -31.00 25.62
C VAL B 344 -11.64 -32.41 26.21
N ASP B 345 -12.40 -33.29 25.53
CA ASP B 345 -12.58 -34.68 25.98
C ASP B 345 -11.24 -35.34 26.27
N TRP B 346 -10.31 -35.25 25.32
CA TRP B 346 -9.12 -36.09 25.29
C TRP B 346 -7.94 -35.55 26.10
N CYS B 347 -8.03 -34.33 26.66
CA CYS B 347 -7.00 -33.83 27.57
C CYS B 347 -7.63 -33.52 28.93
N PRO B 348 -7.57 -34.46 29.88
CA PRO B 348 -8.12 -34.21 31.22
C PRO B 348 -7.21 -33.33 32.07
N THR B 349 -5.90 -33.51 31.89
CA THR B 349 -4.89 -32.73 32.62
C THR B 349 -4.53 -31.51 31.78
N GLY B 350 -5.29 -30.44 31.97
CA GLY B 350 -5.11 -29.24 31.18
C GLY B 350 -4.76 -28.02 32.00
N PHE B 351 -3.84 -28.18 32.95
CA PHE B 351 -3.43 -27.10 33.84
C PHE B 351 -1.95 -27.22 34.16
N LYS B 352 -1.26 -26.09 34.12
CA LYS B 352 0.07 -25.96 34.72
C LYS B 352 0.05 -24.86 35.76
N VAL B 353 0.63 -25.14 36.93
CA VAL B 353 0.63 -24.25 38.08
C VAL B 353 2.01 -23.64 38.23
N GLY B 354 2.05 -22.30 38.30
CA GLY B 354 3.27 -21.56 38.51
C GLY B 354 3.14 -20.59 39.66
N ILE B 355 4.06 -20.65 40.62
CA ILE B 355 3.94 -19.93 41.88
C ILE B 355 5.27 -19.25 42.18
N ASN B 356 5.23 -17.94 42.41
CA ASN B 356 6.41 -17.12 42.64
C ASN B 356 6.22 -16.29 43.91
N TYR B 357 7.21 -16.34 44.80
CA TYR B 357 7.14 -15.57 46.04
C TYR B 357 7.26 -14.07 45.81
N GLN B 358 7.66 -13.65 44.61
CA GLN B 358 7.66 -12.22 44.26
C GLN B 358 6.25 -11.77 43.88
N PRO B 359 5.73 -10.73 44.53
CA PRO B 359 4.43 -10.17 44.14
C PRO B 359 4.59 -9.06 43.13
N PRO B 360 3.62 -8.88 42.23
CA PRO B 360 3.73 -7.84 41.19
C PRO B 360 3.78 -6.44 41.78
N THR B 361 4.63 -5.59 41.19
CA THR B 361 4.83 -4.21 41.61
C THR B 361 4.44 -3.27 40.48
N VAL B 362 3.59 -2.30 40.79
CA VAL B 362 2.92 -1.46 39.80
C VAL B 362 3.59 -0.10 39.69
N VAL B 363 3.62 0.44 38.47
CA VAL B 363 4.37 1.66 38.15
C VAL B 363 3.63 2.88 38.67
N PRO B 364 4.30 3.76 39.41
CA PRO B 364 3.71 5.03 39.86
C PRO B 364 3.12 5.86 38.72
N GLY B 365 1.94 6.44 38.98
CA GLY B 365 1.23 7.20 37.97
C GLY B 365 0.61 6.31 36.93
N GLY B 366 -0.13 5.29 37.38
CA GLY B 366 -0.70 4.29 36.48
C GLY B 366 -2.07 3.80 36.91
N ASP B 367 -2.53 2.72 36.27
CA ASP B 367 -3.91 2.26 36.45
C ASP B 367 -4.10 1.49 37.76
N LEU B 368 -3.19 0.58 38.07
CA LEU B 368 -3.45 -0.49 39.03
C LEU B 368 -2.96 -0.13 40.43
N ALA B 369 -3.56 -0.80 41.42
CA ALA B 369 -3.19 -0.69 42.82
C ALA B 369 -2.48 -1.96 43.28
N LYS B 370 -2.02 -1.96 44.53
CA LYS B 370 -1.31 -3.10 45.10
C LYS B 370 -2.25 -4.28 45.29
N VAL B 371 -1.78 -5.47 44.90
CA VAL B 371 -2.51 -6.72 45.11
C VAL B 371 -1.52 -7.79 45.57
N GLN B 372 -1.83 -8.45 46.69
CA GLN B 372 -0.91 -9.44 47.26
C GLN B 372 -0.80 -10.67 46.37
N ARG B 373 -1.88 -11.02 45.64
CA ARG B 373 -1.98 -12.25 44.88
C ARG B 373 -2.57 -11.98 43.49
N ALA B 374 -1.82 -12.35 42.45
CA ALA B 374 -2.25 -12.15 41.06
C ALA B 374 -1.92 -13.36 40.20
N VAL B 375 -2.60 -13.44 39.05
CA VAL B 375 -2.51 -14.56 38.11
C VAL B 375 -2.35 -14.05 36.70
N CYS B 376 -1.54 -14.74 35.92
CA CYS B 376 -1.57 -14.67 34.46
C CYS B 376 -2.00 -16.02 33.89
N MET B 377 -3.03 -16.00 33.06
CA MET B 377 -3.66 -17.21 32.54
C MET B 377 -3.52 -17.25 31.02
N LEU B 378 -2.93 -18.33 30.51
CA LEU B 378 -2.59 -18.48 29.10
C LEU B 378 -3.25 -19.73 28.56
N SER B 379 -4.12 -19.59 27.56
CA SER B 379 -5.04 -20.66 27.19
C SER B 379 -5.20 -20.77 25.67
N ASN B 380 -5.24 -22.02 25.20
CA ASN B 380 -5.52 -22.37 23.80
C ASN B 380 -6.90 -23.01 23.69
N THR B 381 -7.71 -22.52 22.75
CA THR B 381 -9.10 -22.98 22.67
C THR B 381 -9.56 -23.14 21.22
N THR B 382 -10.63 -23.94 21.07
CA THR B 382 -11.36 -24.03 19.80
C THR B 382 -12.21 -22.79 19.56
N ALA B 383 -12.48 -22.01 20.61
CA ALA B 383 -13.34 -20.83 20.50
C ALA B 383 -12.69 -19.69 19.71
N ILE B 384 -11.36 -19.56 19.74
CA ILE B 384 -10.66 -18.48 19.04
C ILE B 384 -10.83 -18.58 17.52
N ALA B 385 -11.12 -19.78 17.03
CA ALA B 385 -11.29 -20.02 15.61
C ALA B 385 -12.30 -19.08 14.99
N GLU B 386 -13.30 -18.63 15.77
CA GLU B 386 -14.30 -17.69 15.26
C GLU B 386 -13.64 -16.39 14.82
N ALA B 387 -12.68 -15.89 15.61
CA ALA B 387 -11.95 -14.68 15.24
C ALA B 387 -11.21 -14.88 13.94
N TRP B 388 -10.54 -16.04 13.83
CA TRP B 388 -9.83 -16.36 12.58
C TRP B 388 -10.78 -16.33 11.39
N ALA B 389 -11.95 -16.96 11.55
CA ALA B 389 -12.95 -17.02 10.49
C ALA B 389 -13.40 -15.62 10.09
N ARG B 390 -13.65 -14.76 11.09
CA ARG B 390 -14.04 -13.38 10.83
C ARG B 390 -12.98 -12.68 10.00
N LEU B 391 -11.71 -12.84 10.38
CA LEU B 391 -10.61 -12.21 9.66
C LEU B 391 -10.57 -12.68 8.22
N ASP B 392 -10.72 -13.98 8.00
CA ASP B 392 -10.72 -14.52 6.65
C ASP B 392 -11.90 -13.98 5.83
N HIS B 393 -13.06 -13.83 6.47
CA HIS B 393 -14.21 -13.24 5.80
C HIS B 393 -13.92 -11.81 5.36
N LYS B 394 -13.33 -11.02 6.26
CA LYS B 394 -12.93 -9.65 5.95
C LYS B 394 -12.00 -9.63 4.73
N PHE B 395 -10.98 -10.48 4.78
CA PHE B 395 -10.00 -10.59 3.71
C PHE B 395 -10.68 -10.92 2.40
N ASP B 396 -11.61 -11.87 2.42
CA ASP B 396 -12.35 -12.24 1.21
C ASP B 396 -13.13 -11.05 0.68
N LEU B 397 -13.80 -10.32 1.57
CA LEU B 397 -14.69 -9.24 1.16
C LEU B 397 -13.93 -8.18 0.40
N MET B 398 -12.73 -7.83 0.88
CA MET B 398 -11.92 -6.82 0.21
C MET B 398 -11.00 -7.38 -0.88
N TYR B 399 -10.70 -8.69 -0.86
CA TYR B 399 -9.95 -9.30 -1.96
C TYR B 399 -10.84 -9.56 -3.16
N ALA B 400 -12.16 -9.67 -2.95
CA ALA B 400 -13.10 -9.83 -4.05
C ALA B 400 -13.02 -8.65 -5.02
N LYS B 401 -12.96 -7.42 -4.48
CA LYS B 401 -12.74 -6.24 -5.31
C LYS B 401 -11.30 -6.13 -5.77
N ARG B 402 -10.37 -6.70 -4.99
CA ARG B 402 -8.92 -6.56 -5.19
C ARG B 402 -8.46 -5.12 -4.98
N ALA B 403 -9.07 -4.45 -4.02
CA ALA B 403 -8.79 -3.05 -3.73
C ALA B 403 -7.60 -2.94 -2.79
N PHE B 404 -6.93 -1.79 -2.86
CA PHE B 404 -5.68 -1.54 -2.12
C PHE B 404 -4.66 -2.65 -2.39
N VAL B 405 -4.58 -3.08 -3.66
CA VAL B 405 -3.64 -4.11 -4.09
C VAL B 405 -2.44 -3.48 -4.83
N HIS B 406 -2.63 -2.28 -5.39
CA HIS B 406 -1.55 -1.65 -6.16
C HIS B 406 -0.41 -1.15 -5.28
N TRP B 407 -0.61 -1.04 -3.96
CA TRP B 407 0.53 -0.86 -3.05
C TRP B 407 1.41 -2.10 -3.04
N TYR B 408 0.80 -3.28 -2.93
CA TYR B 408 1.55 -4.52 -2.66
C TYR B 408 2.25 -5.04 -3.90
N VAL B 409 1.58 -5.00 -5.06
CA VAL B 409 2.13 -5.62 -6.27
C VAL B 409 3.47 -4.99 -6.63
N GLY B 410 3.61 -3.68 -6.40
CA GLY B 410 4.81 -2.97 -6.84
C GLY B 410 6.09 -3.37 -6.15
N GLU B 411 6.00 -3.93 -4.94
CA GLU B 411 7.17 -4.30 -4.15
C GLU B 411 7.36 -5.82 -4.09
N GLY B 412 7.17 -6.50 -5.21
CA GLY B 412 7.43 -7.93 -5.32
C GLY B 412 6.40 -8.83 -4.67
N MET B 413 5.31 -9.11 -5.40
CA MET B 413 4.23 -9.95 -4.90
C MET B 413 3.62 -10.75 -6.04
N GLU B 414 2.75 -11.70 -5.67
CA GLU B 414 2.03 -12.56 -6.61
C GLU B 414 0.60 -12.75 -6.12
N GLU B 415 -0.31 -13.01 -7.08
CA GLU B 415 -1.73 -13.16 -6.76
C GLU B 415 -2.02 -14.49 -6.04
N GLY B 416 -1.30 -15.55 -6.41
CA GLY B 416 -1.56 -16.86 -5.84
C GLY B 416 -1.13 -16.99 -4.39
N GLU B 417 -0.20 -16.13 -3.95
CA GLU B 417 0.22 -16.11 -2.55
C GLU B 417 -0.97 -15.92 -1.62
N PHE B 418 -1.81 -14.94 -1.95
CA PHE B 418 -2.99 -14.64 -1.14
C PHE B 418 -3.90 -15.86 -1.05
N SER B 419 -4.13 -16.51 -2.19
CA SER B 419 -4.95 -17.72 -2.23
C SER B 419 -4.37 -18.81 -1.34
N GLU B 420 -3.05 -19.01 -1.42
CA GLU B 420 -2.38 -20.01 -0.60
C GLU B 420 -2.55 -19.70 0.88
N ALA B 421 -2.42 -18.42 1.24
CA ALA B 421 -2.62 -17.99 2.63
C ALA B 421 -4.03 -18.32 3.09
N ARG B 422 -5.02 -18.04 2.24
CA ARG B 422 -6.41 -18.31 2.59
C ARG B 422 -6.63 -19.81 2.78
N GLU B 423 -6.02 -20.61 1.90
CA GLU B 423 -6.08 -22.07 2.02
C GLU B 423 -5.50 -22.53 3.35
N ASP B 424 -4.34 -21.96 3.72
CA ASP B 424 -3.71 -22.29 5.00
C ASP B 424 -4.64 -21.96 6.16
N MET B 425 -5.26 -20.78 6.11
CA MET B 425 -6.19 -20.37 7.16
C MET B 425 -7.35 -21.36 7.26
N ALA B 426 -7.89 -21.76 6.12
CA ALA B 426 -8.97 -22.73 6.09
C ALA B 426 -8.55 -24.04 6.73
N ALA B 427 -7.34 -24.50 6.39
CA ALA B 427 -6.80 -25.73 6.96
C ALA B 427 -6.70 -25.61 8.48
N LEU B 428 -6.20 -24.47 8.95
CA LEU B 428 -6.09 -24.21 10.39
C LEU B 428 -7.45 -24.31 11.06
N GLU B 429 -8.46 -23.68 10.44
CA GLU B 429 -9.83 -23.72 10.95
C GLU B 429 -10.33 -25.15 11.04
N LYS B 430 -10.08 -25.92 9.98
CA LYS B 430 -10.47 -27.34 9.94
C LYS B 430 -9.82 -28.11 11.09
N ASP B 431 -8.53 -27.87 11.30
CA ASP B 431 -7.79 -28.51 12.38
C ASP B 431 -8.42 -28.19 13.73
N TYR B 432 -8.76 -26.91 13.94
CA TYR B 432 -9.40 -26.48 15.17
C TYR B 432 -10.71 -27.21 15.37
N GLU B 433 -11.51 -27.31 14.30
CA GLU B 433 -12.79 -28.01 14.36
C GLU B 433 -12.59 -29.47 14.76
N GLU B 434 -11.60 -30.12 14.14
CA GLU B 434 -11.27 -31.50 14.46
C GLU B 434 -10.92 -31.65 15.93
N VAL B 435 -10.08 -30.75 16.43
CA VAL B 435 -9.69 -30.72 17.84
C VAL B 435 -10.91 -30.63 18.73
N GLY B 436 -11.82 -29.71 18.39
CA GLY B 436 -13.03 -29.55 19.17
C GLY B 436 -13.87 -30.81 19.21
N VAL B 437 -13.98 -31.48 18.06
CA VAL B 437 -14.72 -32.73 17.95
C VAL B 437 -14.11 -33.79 18.86
N MET C 1 15.10 12.38 8.03
CA MET C 1 14.70 11.74 6.78
C MET C 1 13.37 12.26 6.24
N ARG C 2 13.03 11.83 5.02
CA ARG C 2 11.72 12.05 4.40
C ARG C 2 11.42 13.54 4.13
N GLU C 3 12.35 14.20 3.45
CA GLU C 3 12.23 15.65 3.20
C GLU C 3 11.41 15.92 1.93
N ILE C 4 10.63 17.02 1.93
CA ILE C 4 9.66 17.32 0.88
C ILE C 4 10.04 18.59 0.12
N VAL C 5 9.92 18.51 -1.21
CA VAL C 5 10.19 19.59 -2.15
C VAL C 5 8.88 20.29 -2.51
N HIS C 6 8.84 21.61 -2.34
CA HIS C 6 7.63 22.40 -2.51
C HIS C 6 7.68 23.22 -3.79
N ILE C 7 6.60 23.18 -4.58
CA ILE C 7 6.51 23.93 -5.83
C ILE C 7 5.19 24.68 -5.89
N GLN C 8 5.26 25.97 -6.26
CA GLN C 8 4.08 26.79 -6.51
C GLN C 8 4.12 27.26 -7.95
N ALA C 9 3.07 26.99 -8.73
CA ALA C 9 3.00 27.32 -10.15
C ALA C 9 1.69 28.01 -10.47
N GLY C 10 1.76 29.16 -11.14
CA GLY C 10 0.59 29.96 -11.40
C GLY C 10 0.24 30.86 -10.23
N GLN C 11 -0.68 31.78 -10.49
CA GLN C 11 -0.96 32.87 -9.55
C GLN C 11 -1.58 32.33 -8.26
N CYS C 12 -2.69 31.61 -8.38
CA CYS C 12 -3.39 31.04 -7.24
C CYS C 12 -2.47 30.12 -6.44
N GLY C 13 -1.74 29.24 -7.13
CA GLY C 13 -0.81 28.36 -6.45
C GLY C 13 0.23 29.12 -5.66
N ASN C 14 0.74 30.21 -6.24
CA ASN C 14 1.78 31.01 -5.59
C ASN C 14 1.25 31.75 -4.37
N GLN C 15 0.04 32.32 -4.45
CA GLN C 15 -0.47 33.08 -3.32
C GLN C 15 -0.88 32.16 -2.17
N ILE C 16 -1.53 31.03 -2.50
CA ILE C 16 -1.82 30.00 -1.49
C ILE C 16 -0.53 29.55 -0.82
N GLY C 17 0.49 29.26 -1.63
CA GLY C 17 1.74 28.76 -1.09
C GLY C 17 2.42 29.75 -0.16
N ALA C 18 2.37 31.04 -0.49
CA ALA C 18 2.89 32.05 0.43
C ALA C 18 2.25 31.90 1.80
N LYS C 19 0.91 31.82 1.83
CA LYS C 19 0.22 31.67 3.11
C LYS C 19 0.60 30.36 3.81
N PHE C 20 0.73 29.28 3.03
CA PHE C 20 1.13 27.98 3.56
C PHE C 20 2.47 28.08 4.29
N TRP C 21 3.43 28.74 3.66
CA TRP C 21 4.74 28.92 4.27
C TRP C 21 4.65 29.76 5.53
N GLU C 22 3.86 30.83 5.48
CA GLU C 22 3.63 31.68 6.64
C GLU C 22 3.12 30.88 7.83
N VAL C 23 2.11 30.04 7.58
CA VAL C 23 1.52 29.17 8.59
C VAL C 23 2.59 28.26 9.18
N ILE C 24 3.34 27.59 8.31
CA ILE C 24 4.25 26.57 8.79
C ILE C 24 5.42 27.19 9.52
N SER C 25 5.89 28.34 9.03
CA SER C 25 6.92 29.09 9.72
C SER C 25 6.48 29.41 11.14
N ASP C 26 5.25 29.92 11.29
CA ASP C 26 4.74 30.19 12.64
C ASP C 26 4.74 28.93 13.47
N GLU C 27 4.26 27.83 12.88
CA GLU C 27 4.18 26.53 13.55
C GLU C 27 5.54 26.10 14.09
N HIS C 28 6.60 26.25 13.30
CA HIS C 28 7.92 25.78 13.66
C HIS C 28 8.77 26.88 14.31
N GLY C 29 8.17 28.02 14.66
CA GLY C 29 8.90 29.06 15.38
C GLY C 29 9.91 29.83 14.54
N ILE C 30 9.71 29.88 13.23
CA ILE C 30 10.62 30.55 12.30
C ILE C 30 10.07 31.95 12.02
N ASP C 31 10.84 32.99 12.30
CA ASP C 31 10.33 34.35 12.07
C ASP C 31 10.70 34.82 10.66
N PRO C 32 10.13 35.94 10.20
CA PRO C 32 10.37 36.38 8.81
C PRO C 32 11.82 36.64 8.46
N THR C 33 12.73 36.69 9.43
CA THR C 33 14.15 36.83 9.14
C THR C 33 14.83 35.48 8.94
N GLY C 34 14.07 34.38 8.99
CA GLY C 34 14.64 33.06 8.88
C GLY C 34 15.29 32.55 10.15
N SER C 35 15.09 33.22 11.27
CA SER C 35 15.65 32.82 12.55
C SER C 35 14.62 32.06 13.36
N TYR C 36 15.10 31.09 14.13
CA TYR C 36 14.26 30.30 15.04
C TYR C 36 14.14 31.01 16.38
N HIS C 37 12.91 31.18 16.87
CA HIS C 37 12.66 31.79 18.17
C HIS C 37 11.56 31.02 18.91
N GLY C 38 11.63 29.69 18.86
CA GLY C 38 10.65 28.84 19.49
C GLY C 38 11.02 28.46 20.91
N ASP C 39 10.14 27.67 21.52
CA ASP C 39 10.25 27.32 22.93
C ASP C 39 10.36 25.82 23.18
N SER C 40 10.36 25.01 22.13
CA SER C 40 10.36 23.55 22.26
C SER C 40 11.40 22.92 21.34
N ASP C 41 12.06 21.87 21.83
CA ASP C 41 12.97 21.11 20.99
C ASP C 41 12.23 20.30 19.93
N LEU C 42 10.98 19.95 20.21
CA LEU C 42 10.13 19.29 19.21
C LEU C 42 9.96 20.18 17.98
N GLN C 43 10.09 21.49 18.15
CA GLN C 43 9.85 22.42 17.06
C GLN C 43 10.92 22.31 15.98
N LEU C 44 12.14 21.91 16.34
CA LEU C 44 13.25 21.83 15.41
C LEU C 44 13.60 20.42 14.98
N GLU C 45 13.15 19.41 15.75
CA GLU C 45 13.53 18.02 15.52
C GLU C 45 13.49 17.62 14.06
N ARG C 46 12.39 17.94 13.37
CA ARG C 46 12.16 17.50 12.00
C ARG C 46 11.97 18.68 11.06
N ILE C 47 12.60 19.81 11.38
CA ILE C 47 12.48 21.02 10.57
C ILE C 47 13.01 20.79 9.17
N ASN C 48 13.90 19.80 9.02
CA ASN C 48 14.47 19.40 7.73
C ASN C 48 13.42 19.10 6.69
N VAL C 49 12.22 18.68 7.13
CA VAL C 49 11.21 18.22 6.18
C VAL C 49 10.83 19.34 5.22
N TYR C 50 10.78 20.58 5.69
CA TYR C 50 10.46 21.70 4.82
C TYR C 50 11.58 22.70 4.62
N TYR C 51 12.56 22.75 5.53
CA TYR C 51 13.55 23.83 5.55
C TYR C 51 14.97 23.31 5.40
N ASN C 52 15.83 24.15 4.81
CA ASN C 52 17.29 23.98 4.83
C ASN C 52 17.93 25.04 5.72
N GLU C 53 18.98 24.66 6.44
CA GLU C 53 19.69 25.58 7.32
C GLU C 53 20.90 26.18 6.61
N ALA C 54 21.16 27.46 6.89
CA ALA C 54 22.31 28.17 6.37
C ALA C 54 23.14 28.71 7.53
N ALA C 55 24.27 29.32 7.21
CA ALA C 55 25.15 29.87 8.23
C ALA C 55 24.45 30.99 8.98
N GLY C 56 24.64 31.01 10.31
CA GLY C 56 23.99 32.00 11.14
C GLY C 56 22.58 31.63 11.52
N ASN C 57 22.30 30.33 11.67
CA ASN C 57 20.98 29.84 12.06
C ASN C 57 19.88 30.43 11.19
N LYS C 58 20.12 30.48 9.87
CA LYS C 58 19.12 30.89 8.90
C LYS C 58 18.43 29.65 8.35
N TYR C 59 17.10 29.67 8.29
CA TYR C 59 16.37 28.55 7.73
C TYR C 59 15.61 29.01 6.49
N VAL C 60 15.59 28.14 5.47
CA VAL C 60 15.14 28.49 4.14
C VAL C 60 14.20 27.42 3.62
N PRO C 61 12.95 27.75 3.28
CA PRO C 61 12.05 26.76 2.67
C PRO C 61 12.69 26.10 1.45
N ARG C 62 12.57 24.77 1.34
CA ARG C 62 12.95 24.13 0.08
C ARG C 62 11.74 24.24 -0.84
N ALA C 63 11.61 25.46 -1.39
CA ALA C 63 10.45 25.92 -2.12
C ALA C 63 10.89 26.52 -3.45
N ILE C 64 10.10 26.28 -4.49
CA ILE C 64 10.32 26.83 -5.82
C ILE C 64 9.10 27.61 -6.24
N LEU C 65 9.30 28.85 -6.66
CA LEU C 65 8.23 29.73 -7.12
C LEU C 65 8.34 29.88 -8.63
N VAL C 66 7.29 29.50 -9.36
CA VAL C 66 7.29 29.49 -10.81
C VAL C 66 6.11 30.31 -11.34
N ASP C 67 6.38 31.12 -12.36
CA ASP C 67 5.35 31.95 -12.98
C ASP C 67 5.83 32.39 -14.35
N LEU C 68 4.89 32.59 -15.26
CA LEU C 68 5.23 33.07 -16.60
C LEU C 68 5.15 34.59 -16.72
N GLU C 69 4.75 35.27 -15.66
CA GLU C 69 4.74 36.73 -15.57
C GLU C 69 5.32 37.10 -14.21
N PRO C 70 5.84 38.32 -14.06
CA PRO C 70 6.59 38.65 -12.84
C PRO C 70 5.75 39.16 -11.68
N GLY C 71 4.56 39.71 -11.98
CA GLY C 71 3.87 40.55 -11.01
C GLY C 71 3.56 39.82 -9.72
N THR C 72 3.06 38.59 -9.84
CA THR C 72 2.64 37.82 -8.67
C THR C 72 3.81 37.58 -7.75
N MET C 73 4.92 37.13 -8.32
CA MET C 73 6.09 36.84 -7.51
C MET C 73 6.70 38.11 -6.95
N ASP C 74 6.63 39.23 -7.69
CA ASP C 74 7.06 40.51 -7.12
C ASP C 74 6.24 40.85 -5.89
N SER C 75 4.92 40.68 -5.97
CA SER C 75 4.07 40.94 -4.81
C SER C 75 4.43 40.01 -3.65
N VAL C 76 4.71 38.74 -3.95
CA VAL C 76 5.16 37.80 -2.93
C VAL C 76 6.39 38.33 -2.23
N ARG C 77 7.40 38.73 -3.01
CA ARG C 77 8.64 39.29 -2.44
C ARG C 77 8.34 40.48 -1.55
N SER C 78 7.49 41.39 -2.03
CA SER C 78 7.19 42.57 -1.26
C SER C 78 6.53 42.21 0.07
N GLY C 79 5.82 41.08 0.10
CA GLY C 79 5.10 40.64 1.28
C GLY C 79 5.98 40.37 2.48
N PRO C 80 5.34 40.07 3.62
CA PRO C 80 6.10 39.96 4.88
C PRO C 80 7.09 38.80 4.90
N PHE C 81 6.65 37.59 4.55
CA PHE C 81 7.50 36.41 4.57
C PHE C 81 8.24 36.21 3.24
N GLY C 82 8.01 37.10 2.27
CA GLY C 82 8.65 36.95 0.97
C GLY C 82 10.16 36.99 1.01
N GLN C 83 10.75 37.72 1.96
CA GLN C 83 12.20 37.82 2.03
C GLN C 83 12.85 36.59 2.66
N ILE C 84 12.07 35.61 3.13
CA ILE C 84 12.66 34.37 3.65
C ILE C 84 13.13 33.46 2.51
N PHE C 85 12.52 33.58 1.34
CA PHE C 85 12.84 32.69 0.22
C PHE C 85 14.22 33.00 -0.34
N ARG C 86 14.92 31.97 -0.80
CA ARG C 86 16.21 32.20 -1.43
C ARG C 86 15.96 32.76 -2.83
N PRO C 87 16.58 33.89 -3.17
CA PRO C 87 16.19 34.60 -4.41
C PRO C 87 16.36 33.78 -5.67
N ASP C 88 17.33 32.87 -5.72
CA ASP C 88 17.51 32.02 -6.90
C ASP C 88 16.40 30.99 -7.07
N ASN C 89 15.45 30.91 -6.13
CA ASN C 89 14.36 29.96 -6.23
C ASN C 89 13.13 30.56 -6.91
N PHE C 90 13.22 31.83 -7.32
CA PHE C 90 12.21 32.48 -8.15
C PHE C 90 12.56 32.20 -9.61
N VAL C 91 11.72 31.46 -10.31
CA VAL C 91 11.92 31.17 -11.72
C VAL C 91 10.73 31.75 -12.47
N PHE C 92 10.95 32.77 -13.31
CA PHE C 92 9.81 33.42 -13.93
C PHE C 92 10.13 34.02 -15.29
N GLY C 93 9.11 34.04 -16.15
CA GLY C 93 9.17 34.70 -17.43
C GLY C 93 8.44 36.03 -17.42
N GLN C 94 8.29 36.59 -18.62
CA GLN C 94 7.59 37.87 -18.81
C GLN C 94 6.43 37.78 -19.78
N SER C 95 6.38 36.77 -20.64
CA SER C 95 5.30 36.64 -21.61
C SER C 95 4.10 35.95 -20.96
N GLY C 96 2.93 36.57 -21.10
CA GLY C 96 1.75 36.12 -20.38
C GLY C 96 1.22 34.79 -20.87
N ALA C 97 0.31 34.21 -20.08
CA ALA C 97 -0.21 32.87 -20.33
C ALA C 97 -1.62 32.84 -20.91
N GLY C 98 -2.33 33.96 -20.88
CA GLY C 98 -3.65 34.08 -21.50
C GLY C 98 -4.67 33.03 -21.09
N ASN C 99 -4.61 32.56 -19.85
CA ASN C 99 -5.48 31.50 -19.35
C ASN C 99 -5.52 30.33 -20.32
N ASN C 100 -4.34 29.99 -20.86
CA ASN C 100 -4.21 29.10 -22.00
C ASN C 100 -3.28 27.96 -21.62
N TRP C 101 -3.86 26.76 -21.47
CA TRP C 101 -3.09 25.56 -21.18
C TRP C 101 -1.99 25.34 -22.21
N ALA C 102 -2.26 25.65 -23.49
CA ALA C 102 -1.25 25.46 -24.52
C ALA C 102 -0.02 26.31 -24.27
N LYS C 103 -0.22 27.57 -23.85
CA LYS C 103 0.92 28.44 -23.55
C LYS C 103 1.73 27.88 -22.38
N GLY C 104 1.04 27.36 -21.36
CA GLY C 104 1.74 26.84 -20.20
C GLY C 104 2.45 25.53 -20.45
N HIS C 105 1.86 24.65 -21.26
CA HIS C 105 2.36 23.29 -21.41
C HIS C 105 3.26 23.12 -22.64
N TYR C 106 2.95 23.79 -23.75
CA TYR C 106 3.59 23.54 -25.04
C TYR C 106 4.67 24.55 -25.39
N THR C 107 4.41 25.85 -25.15
CA THR C 107 5.17 26.91 -25.77
C THR C 107 5.91 27.70 -24.71
N GLU C 108 5.26 28.67 -24.05
CA GLU C 108 5.97 29.56 -23.13
C GLU C 108 6.47 28.80 -21.91
N GLY C 109 5.72 27.81 -21.44
CA GLY C 109 6.18 27.02 -20.30
C GLY C 109 7.33 26.11 -20.67
N ALA C 110 7.32 25.58 -21.89
CA ALA C 110 8.41 24.72 -22.36
C ALA C 110 9.74 25.46 -22.35
N GLU C 111 9.72 26.77 -22.59
CA GLU C 111 10.96 27.55 -22.60
C GLU C 111 11.58 27.67 -21.21
N LEU C 112 10.76 27.67 -20.15
CA LEU C 112 11.22 27.91 -18.78
C LEU C 112 11.45 26.62 -17.98
N VAL C 113 10.85 25.51 -18.43
CA VAL C 113 10.75 24.33 -17.59
C VAL C 113 12.12 23.75 -17.24
N ASP C 114 13.09 23.82 -18.16
CA ASP C 114 14.37 23.17 -17.87
C ASP C 114 15.08 23.86 -16.72
N SER C 115 15.02 25.20 -16.67
CA SER C 115 15.62 25.95 -15.57
C SER C 115 14.96 25.59 -14.24
N VAL C 116 13.63 25.43 -14.25
CA VAL C 116 12.95 24.96 -13.05
C VAL C 116 13.48 23.59 -12.62
N LEU C 117 13.58 22.68 -13.60
CA LEU C 117 14.02 21.31 -13.32
C LEU C 117 15.41 21.30 -12.70
N ASP C 118 16.29 22.18 -13.17
CA ASP C 118 17.64 22.22 -12.58
C ASP C 118 17.58 22.59 -11.11
N VAL C 119 16.75 23.58 -10.75
CA VAL C 119 16.62 23.92 -9.33
C VAL C 119 16.04 22.74 -8.55
N VAL C 120 15.04 22.06 -9.13
CA VAL C 120 14.46 20.88 -8.49
C VAL C 120 15.56 19.86 -8.20
N ARG C 121 16.42 19.63 -9.19
CA ARG C 121 17.50 18.65 -9.06
C ARG C 121 18.45 19.03 -7.93
N LYS C 122 18.78 20.31 -7.82
CA LYS C 122 19.66 20.75 -6.73
C LYS C 122 19.03 20.47 -5.38
N GLU C 123 17.75 20.79 -5.24
CA GLU C 123 17.06 20.52 -3.98
C GLU C 123 17.05 19.03 -3.67
N SER C 124 16.81 18.20 -4.69
CA SER C 124 16.83 16.75 -4.50
C SER C 124 18.19 16.28 -4.03
N GLU C 125 19.26 16.84 -4.61
CA GLU C 125 20.62 16.46 -4.24
C GLU C 125 20.97 16.91 -2.83
N SER C 126 20.33 17.98 -2.35
CA SER C 126 20.54 18.47 -0.99
C SER C 126 19.73 17.70 0.06
N CYS C 127 18.95 16.71 -0.35
CA CYS C 127 18.10 15.95 0.56
C CYS C 127 18.84 14.73 1.11
N ASP C 128 18.79 14.57 2.43
CA ASP C 128 19.24 13.32 3.05
C ASP C 128 18.44 12.15 2.52
N CYS C 129 17.11 12.31 2.45
CA CYS C 129 16.24 11.28 1.87
C CYS C 129 14.94 11.94 1.40
N LEU C 130 14.86 12.22 0.11
CA LEU C 130 13.70 12.80 -0.53
C LEU C 130 12.45 11.94 -0.33
N GLN C 131 11.40 12.52 0.26
CA GLN C 131 10.13 11.81 0.34
C GLN C 131 9.27 12.05 -0.88
N GLY C 132 9.06 13.32 -1.25
CA GLY C 132 8.18 13.61 -2.36
C GLY C 132 8.10 15.09 -2.66
N PHE C 133 7.10 15.43 -3.47
CA PHE C 133 6.91 16.78 -4.01
C PHE C 133 5.48 17.24 -3.74
N GLN C 134 5.35 18.48 -3.28
CA GLN C 134 4.06 19.13 -3.01
C GLN C 134 3.89 20.28 -4.00
N LEU C 135 2.80 20.26 -4.77
CA LEU C 135 2.53 21.34 -5.72
C LEU C 135 1.23 22.07 -5.39
N THR C 136 1.23 23.36 -5.69
CA THR C 136 0.05 24.20 -5.52
C THR C 136 -0.25 24.82 -6.88
N HIS C 137 -1.51 24.70 -7.34
CA HIS C 137 -1.89 25.30 -8.60
C HIS C 137 -3.41 25.30 -8.75
N SER C 138 -3.91 26.20 -9.59
CA SER C 138 -5.28 26.19 -10.06
C SER C 138 -5.43 25.17 -11.18
N LEU C 139 -6.67 24.78 -11.44
CA LEU C 139 -7.01 23.88 -12.53
C LEU C 139 -7.45 24.64 -13.78
N GLY C 140 -8.00 25.83 -13.60
CA GLY C 140 -8.66 26.55 -14.66
C GLY C 140 -7.89 27.62 -15.39
N GLY C 141 -6.64 27.89 -15.01
CA GLY C 141 -5.81 28.89 -15.64
C GLY C 141 -4.90 28.31 -16.71
N GLY C 142 -3.85 29.04 -17.05
CA GLY C 142 -2.87 28.58 -18.02
C GLY C 142 -1.57 28.10 -17.40
N THR C 143 -1.07 28.84 -16.40
CA THR C 143 0.20 28.50 -15.76
C THR C 143 0.05 27.28 -14.87
N GLY C 144 -0.83 27.36 -13.87
CA GLY C 144 -1.05 26.22 -12.99
C GLY C 144 -1.47 24.99 -13.76
N SER C 145 -2.39 25.15 -14.71
CA SER C 145 -2.92 24.02 -15.46
C SER C 145 -1.86 23.46 -16.43
N GLY C 146 -1.44 24.26 -17.41
CA GLY C 146 -0.52 23.80 -18.43
C GLY C 146 0.89 23.60 -17.93
N MET C 147 1.45 24.67 -17.36
CA MET C 147 2.79 24.60 -16.80
C MET C 147 2.86 23.57 -15.67
N GLY C 148 1.89 23.60 -14.75
CA GLY C 148 1.99 22.69 -13.62
C GLY C 148 1.94 21.25 -14.05
N THR C 149 1.01 20.92 -14.97
CA THR C 149 0.93 19.58 -15.53
C THR C 149 2.27 19.15 -16.13
N LEU C 150 2.86 20.04 -16.94
CA LEU C 150 4.16 19.76 -17.55
C LEU C 150 5.20 19.40 -16.50
N LEU C 151 5.29 20.25 -15.47
CA LEU C 151 6.33 20.09 -14.45
C LEU C 151 6.18 18.77 -13.74
N ILE C 152 4.94 18.40 -13.40
CA ILE C 152 4.67 17.15 -12.71
C ILE C 152 5.12 15.96 -13.55
N SER C 153 4.81 16.00 -14.86
CA SER C 153 5.21 14.92 -15.75
C SER C 153 6.72 14.74 -15.74
N LYS C 154 7.45 15.85 -15.86
CA LYS C 154 8.90 15.74 -15.91
C LYS C 154 9.46 15.23 -14.58
N ILE C 155 8.87 15.65 -13.46
CA ILE C 155 9.40 15.23 -12.16
C ILE C 155 9.12 13.74 -11.94
N ARG C 156 7.93 13.26 -12.34
CA ARG C 156 7.68 11.82 -12.18
C ARG C 156 8.57 11.01 -13.09
N GLU C 157 8.89 11.54 -14.28
CA GLU C 157 9.87 10.89 -15.14
C GLU C 157 11.23 10.81 -14.44
N GLU C 158 11.59 11.84 -13.66
CA GLU C 158 12.88 11.83 -12.99
C GLU C 158 12.85 11.10 -11.65
N TYR C 159 11.74 11.13 -10.93
CA TYR C 159 11.63 10.56 -9.59
C TYR C 159 10.41 9.66 -9.51
N PRO C 160 10.38 8.58 -10.30
CA PRO C 160 9.13 7.80 -10.41
C PRO C 160 8.80 7.01 -9.15
N ASP C 161 9.71 6.92 -8.20
CA ASP C 161 9.52 6.16 -6.97
C ASP C 161 9.11 7.04 -5.79
N ARG C 162 8.84 8.32 -6.02
CA ARG C 162 8.56 9.27 -4.95
C ARG C 162 7.10 9.71 -4.98
N ILE C 163 6.69 10.31 -3.87
CA ILE C 163 5.31 10.75 -3.65
C ILE C 163 5.06 12.06 -4.39
N MET C 164 3.97 12.15 -5.12
CA MET C 164 3.63 13.36 -5.87
C MET C 164 2.22 13.79 -5.48
N ASN C 165 2.12 14.86 -4.71
CA ASN C 165 0.81 15.32 -4.25
C ASN C 165 0.59 16.79 -4.59
N THR C 166 -0.66 17.12 -4.90
CA THR C 166 -1.03 18.45 -5.35
C THR C 166 -2.19 18.97 -4.52
N PHE C 167 -2.19 20.26 -4.27
CA PHE C 167 -3.35 20.97 -3.74
C PHE C 167 -3.85 21.84 -4.88
N SER C 168 -4.99 21.46 -5.45
CA SER C 168 -5.42 21.96 -6.74
C SER C 168 -6.78 22.63 -6.59
N VAL C 169 -6.83 23.93 -6.88
CA VAL C 169 -8.05 24.71 -6.73
C VAL C 169 -8.88 24.57 -8.01
N VAL C 170 -10.09 24.03 -7.89
CA VAL C 170 -10.87 23.59 -9.04
C VAL C 170 -12.09 24.48 -9.30
N PRO C 171 -12.73 24.37 -10.47
CA PRO C 171 -13.88 25.24 -10.77
C PRO C 171 -15.11 24.88 -9.94
N SER C 172 -15.96 25.88 -9.72
CA SER C 172 -17.24 25.69 -9.02
C SER C 172 -18.35 25.97 -10.02
N PRO C 173 -19.15 24.97 -10.39
CA PRO C 173 -20.00 25.12 -11.58
C PRO C 173 -21.03 26.24 -11.48
N LYS C 174 -21.47 26.60 -10.28
CA LYS C 174 -22.46 27.66 -10.14
C LYS C 174 -21.86 29.04 -10.33
N VAL C 175 -20.56 29.20 -10.10
CA VAL C 175 -19.90 30.48 -10.28
C VAL C 175 -18.56 30.25 -10.97
N SER C 176 -18.57 30.22 -12.29
CA SER C 176 -17.35 30.15 -13.06
C SER C 176 -16.56 31.44 -12.94
N ASP C 177 -15.23 31.33 -12.90
CA ASP C 177 -14.36 32.49 -12.78
C ASP C 177 -13.64 32.86 -14.07
N THR C 178 -13.50 31.93 -15.03
CA THR C 178 -13.00 32.26 -16.37
C THR C 178 -13.84 31.56 -17.43
N VAL C 179 -13.71 32.05 -18.66
CA VAL C 179 -14.54 31.58 -19.76
C VAL C 179 -14.04 30.24 -20.31
N VAL C 180 -12.73 30.06 -20.35
CA VAL C 180 -12.17 28.81 -20.90
C VAL C 180 -11.89 27.82 -19.78
N GLU C 181 -12.46 28.07 -18.59
CA GLU C 181 -12.19 27.24 -17.41
C GLU C 181 -12.37 25.75 -17.67
N PRO C 182 -13.45 25.29 -18.31
CA PRO C 182 -13.62 23.85 -18.54
C PRO C 182 -12.52 23.25 -19.38
N TYR C 183 -12.04 23.99 -20.39
CA TYR C 183 -10.94 23.52 -21.22
C TYR C 183 -9.70 23.32 -20.39
N ASN C 184 -9.32 24.33 -19.61
CA ASN C 184 -8.11 24.25 -18.81
C ASN C 184 -8.19 23.11 -17.81
N ALA C 185 -9.34 22.98 -17.15
CA ALA C 185 -9.48 21.97 -16.11
C ALA C 185 -9.41 20.57 -16.71
N THR C 186 -10.15 20.31 -17.79
CA THR C 186 -10.15 18.97 -18.36
C THR C 186 -8.78 18.60 -18.89
N LEU C 187 -8.10 19.55 -19.54
CA LEU C 187 -6.75 19.26 -20.05
C LEU C 187 -5.80 18.94 -18.90
N SER C 188 -5.91 19.66 -17.78
CA SER C 188 -5.06 19.40 -16.63
C SER C 188 -5.35 18.02 -16.03
N VAL C 189 -6.62 17.75 -15.74
CA VAL C 189 -6.99 16.53 -15.04
C VAL C 189 -6.57 15.31 -15.86
N HIS C 190 -6.68 15.41 -17.19
CA HIS C 190 -6.26 14.35 -18.10
C HIS C 190 -4.85 13.87 -17.81
N GLN C 191 -3.99 14.75 -17.29
CA GLN C 191 -2.63 14.36 -16.94
C GLN C 191 -2.41 14.15 -15.44
N LEU C 192 -3.19 14.84 -14.59
CA LEU C 192 -3.10 14.61 -13.15
C LEU C 192 -3.55 13.19 -12.78
N VAL C 193 -4.57 12.66 -13.48
CA VAL C 193 -5.02 11.29 -13.21
C VAL C 193 -3.85 10.32 -13.33
N GLU C 194 -2.99 10.54 -14.31
CA GLU C 194 -1.90 9.62 -14.59
C GLU C 194 -0.67 9.89 -13.73
N ASN C 195 -0.35 11.16 -13.44
CA ASN C 195 0.98 11.49 -12.93
C ASN C 195 0.99 12.04 -11.51
N THR C 196 -0.08 11.86 -10.73
CA THR C 196 -0.06 12.21 -9.32
C THR C 196 -0.59 11.05 -8.48
N ASP C 197 -0.07 10.95 -7.26
CA ASP C 197 -0.53 9.95 -6.31
C ASP C 197 -1.70 10.44 -5.46
N GLU C 198 -1.80 11.75 -5.22
CA GLU C 198 -2.97 12.29 -4.54
C GLU C 198 -3.15 13.76 -4.89
N THR C 199 -4.41 14.16 -5.10
CA THR C 199 -4.77 15.53 -5.41
C THR C 199 -5.87 15.97 -4.45
N TYR C 200 -5.62 17.03 -3.69
CA TYR C 200 -6.60 17.57 -2.76
C TYR C 200 -7.41 18.64 -3.47
N CYS C 201 -8.70 18.40 -3.63
CA CYS C 201 -9.54 19.16 -4.55
C CYS C 201 -10.34 20.19 -3.76
N ILE C 202 -9.98 21.47 -3.91
CA ILE C 202 -10.68 22.56 -3.26
C ILE C 202 -11.41 23.39 -4.31
N ASP C 203 -12.67 23.69 -4.03
CA ASP C 203 -13.42 24.69 -4.79
C ASP C 203 -13.75 25.85 -3.87
N ASN C 204 -13.74 27.06 -4.42
CA ASN C 204 -13.88 28.27 -3.63
C ASN C 204 -15.30 28.45 -3.10
N GLU C 205 -16.29 27.93 -3.83
CA GLU C 205 -17.68 27.95 -3.40
C GLU C 205 -17.85 27.33 -2.01
N ALA C 206 -17.26 26.15 -1.83
CA ALA C 206 -17.36 25.47 -0.55
C ALA C 206 -16.69 26.28 0.55
N LEU C 207 -15.54 26.88 0.24
CA LEU C 207 -14.85 27.72 1.22
C LEU C 207 -15.71 28.91 1.62
N TYR C 208 -16.35 29.55 0.64
CA TYR C 208 -17.25 30.66 0.93
C TYR C 208 -18.37 30.22 1.84
N ASP C 209 -18.96 29.04 1.55
CA ASP C 209 -20.03 28.51 2.39
C ASP C 209 -19.56 28.29 3.82
N ILE C 210 -18.34 27.73 3.99
CA ILE C 210 -17.75 27.55 5.32
C ILE C 210 -17.63 28.88 6.04
N CYS C 211 -17.07 29.87 5.34
CA CYS C 211 -16.84 31.20 5.92
C CYS C 211 -18.15 31.81 6.39
N PHE C 212 -19.20 31.72 5.56
CA PHE C 212 -20.47 32.33 5.90
C PHE C 212 -21.14 31.62 7.06
N ARG C 213 -21.27 30.28 6.96
CA ARG C 213 -22.14 29.55 7.90
C ARG C 213 -21.49 29.40 9.27
N THR C 214 -20.27 28.89 9.32
CA THR C 214 -19.64 28.55 10.59
C THR C 214 -18.79 29.69 11.15
N LEU C 215 -17.91 30.26 10.33
CA LEU C 215 -17.03 31.33 10.81
C LEU C 215 -17.75 32.65 10.98
N LYS C 216 -19.01 32.74 10.51
CA LYS C 216 -19.82 33.96 10.58
C LYS C 216 -19.14 35.14 9.88
N LEU C 217 -18.46 34.85 8.78
CA LEU C 217 -17.72 35.87 8.06
C LEU C 217 -18.58 36.43 6.94
N THR C 218 -19.03 37.68 7.11
CA THR C 218 -19.76 38.38 6.04
C THR C 218 -18.86 38.68 4.84
N THR C 219 -17.57 38.90 5.08
CA THR C 219 -16.65 39.44 4.08
C THR C 219 -15.37 38.62 4.02
N PRO C 220 -15.41 37.45 3.37
CA PRO C 220 -14.19 36.65 3.27
C PRO C 220 -13.16 37.32 2.37
N THR C 221 -11.91 37.31 2.82
CA THR C 221 -10.80 37.73 1.98
C THR C 221 -10.13 36.48 1.40
N TYR C 222 -9.50 36.64 0.24
CA TYR C 222 -8.74 35.52 -0.31
C TYR C 222 -7.70 35.03 0.67
N GLY C 223 -7.16 35.96 1.48
CA GLY C 223 -6.21 35.56 2.51
C GLY C 223 -6.80 34.57 3.50
N ASP C 224 -8.05 34.80 3.91
CA ASP C 224 -8.67 33.88 4.85
C ASP C 224 -8.95 32.52 4.20
N LEU C 225 -9.41 32.52 2.94
CA LEU C 225 -9.62 31.25 2.24
C LEU C 225 -8.30 30.48 2.12
N ASN C 226 -7.22 31.20 1.82
CA ASN C 226 -5.92 30.57 1.72
C ASN C 226 -5.50 30.00 3.07
N HIS C 227 -5.79 30.70 4.16
CA HIS C 227 -5.54 30.19 5.51
C HIS C 227 -6.20 28.85 5.72
N LEU C 228 -7.47 28.74 5.30
CA LEU C 228 -8.19 27.47 5.44
C LEU C 228 -7.46 26.34 4.72
N VAL C 229 -7.09 26.59 3.46
CA VAL C 229 -6.34 25.58 2.69
C VAL C 229 -5.03 25.24 3.39
N SER C 230 -4.33 26.27 3.86
CA SER C 230 -3.03 26.12 4.50
C SER C 230 -3.14 25.24 5.72
N ALA C 231 -4.18 25.43 6.52
CA ALA C 231 -4.40 24.61 7.69
C ALA C 231 -4.56 23.15 7.31
N THR C 232 -5.35 22.88 6.25
CA THR C 232 -5.46 21.50 5.76
C THR C 232 -4.09 20.93 5.40
N MET C 233 -3.32 21.70 4.64
CA MET C 233 -2.03 21.24 4.13
C MET C 233 -1.08 20.91 5.27
N SER C 234 -0.99 21.82 6.25
CA SER C 234 -0.18 21.60 7.44
C SER C 234 -0.59 20.33 8.16
N GLY C 235 -1.90 20.15 8.34
CA GLY C 235 -2.41 18.98 9.01
C GLY C 235 -2.01 17.69 8.33
N VAL C 236 -2.03 17.69 6.99
CA VAL C 236 -1.73 16.47 6.23
C VAL C 236 -0.36 15.92 6.60
N THR C 237 0.64 16.78 6.76
CA THR C 237 2.02 16.33 6.95
C THR C 237 2.49 16.48 8.40
N THR C 238 1.58 16.82 9.33
CA THR C 238 1.98 16.91 10.74
C THR C 238 2.75 15.70 11.24
N CYS C 239 2.32 14.49 10.87
CA CYS C 239 2.94 13.30 11.44
C CYS C 239 4.28 12.96 10.78
N LEU C 240 4.70 13.69 9.76
CA LEU C 240 6.07 13.57 9.28
C LEU C 240 7.02 14.43 10.09
N ARG C 241 6.49 15.46 10.72
CA ARG C 241 7.29 16.50 11.34
C ARG C 241 7.25 16.46 12.87
N PHE C 242 6.52 15.50 13.45
CA PHE C 242 6.25 15.52 14.88
C PHE C 242 6.04 14.10 15.38
N PRO C 243 6.04 13.90 16.72
CA PRO C 243 5.73 12.59 17.30
C PRO C 243 4.25 12.22 17.23
N GLY C 244 3.90 11.05 17.78
CA GLY C 244 2.50 10.65 17.82
C GLY C 244 2.30 9.34 18.54
N GLN C 245 1.04 9.07 18.87
CA GLN C 245 0.65 7.78 19.41
C GLN C 245 0.62 6.76 18.28
N LEU C 246 -0.20 7.03 17.27
CA LEU C 246 -0.24 6.26 16.03
C LEU C 246 0.11 7.24 14.91
N ASN C 247 1.15 6.94 14.14
CA ASN C 247 1.70 7.90 13.19
C ASN C 247 1.34 7.59 11.74
N ALA C 248 1.36 8.64 10.93
CA ALA C 248 0.96 8.61 9.53
C ALA C 248 2.10 9.17 8.67
N ASP C 249 2.59 8.35 7.76
CA ASP C 249 3.46 8.74 6.65
C ASP C 249 2.57 9.22 5.50
N LEU C 250 3.15 10.03 4.61
CA LEU C 250 2.43 10.44 3.40
C LEU C 250 2.11 9.23 2.55
N ARG C 251 3.11 8.38 2.34
CA ARG C 251 2.92 7.13 1.60
C ARG C 251 1.88 6.26 2.27
N LYS C 252 1.90 6.16 3.60
CA LYS C 252 0.91 5.36 4.30
C LYS C 252 -0.50 5.92 4.11
N LEU C 253 -0.62 7.26 4.14
CA LEU C 253 -1.91 7.89 3.89
C LEU C 253 -2.42 7.54 2.49
N ALA C 254 -1.54 7.66 1.48
CA ALA C 254 -1.90 7.16 0.16
C ALA C 254 -2.30 5.70 0.30
N VAL C 255 -1.61 5.00 1.24
CA VAL C 255 -1.65 3.55 1.45
C VAL C 255 -2.99 3.13 1.97
N ASN C 256 -3.68 4.06 2.53
CA ASN C 256 -4.95 3.79 3.16
C ASN C 256 -6.09 4.43 2.39
N MET C 257 -5.80 5.37 1.48
CA MET C 257 -6.85 6.10 0.80
C MET C 257 -7.04 5.72 -0.67
N VAL C 258 -6.16 4.91 -1.24
CA VAL C 258 -6.22 4.62 -2.68
C VAL C 258 -6.49 3.13 -2.94
N PRO C 259 -7.76 2.74 -3.14
CA PRO C 259 -8.05 1.32 -3.45
C PRO C 259 -7.74 0.95 -4.90
N PHE C 260 -7.81 1.94 -5.79
CA PHE C 260 -7.52 1.76 -7.21
C PHE C 260 -6.66 2.92 -7.67
N PRO C 261 -5.67 2.66 -8.54
CA PRO C 261 -4.68 3.68 -8.94
C PRO C 261 -5.25 5.05 -9.29
N ARG C 262 -6.38 5.09 -10.00
CA ARG C 262 -6.90 6.36 -10.51
C ARG C 262 -7.66 7.18 -9.47
N LEU C 263 -8.20 6.55 -8.42
CA LEU C 263 -9.13 7.24 -7.53
C LEU C 263 -8.37 7.89 -6.38
N HIS C 264 -7.77 9.04 -6.67
CA HIS C 264 -6.94 9.75 -5.71
C HIS C 264 -7.29 11.23 -5.67
N PHE C 265 -8.58 11.55 -5.71
CA PHE C 265 -9.08 12.92 -5.61
C PHE C 265 -9.82 13.04 -4.30
N PHE C 266 -9.27 13.80 -3.35
CA PHE C 266 -9.81 13.83 -2.00
C PHE C 266 -10.52 15.15 -1.71
N MET C 267 -11.54 15.05 -0.85
CA MET C 267 -12.16 16.22 -0.25
C MET C 267 -11.54 16.45 1.10
N PRO C 268 -10.84 17.57 1.29
CA PRO C 268 -10.29 17.89 2.62
C PRO C 268 -11.31 18.61 3.49
N GLY C 269 -11.13 18.46 4.80
CA GLY C 269 -11.94 19.16 5.76
C GLY C 269 -11.14 19.44 7.00
N PHE C 270 -11.74 20.21 7.90
CA PHE C 270 -11.01 20.72 9.06
C PHE C 270 -11.95 20.88 10.25
N ALA C 271 -11.37 20.79 11.45
CA ALA C 271 -12.10 21.05 12.67
C ALA C 271 -11.14 21.44 13.78
N PRO C 272 -11.52 22.39 14.66
CA PRO C 272 -12.81 23.08 14.73
C PRO C 272 -12.97 24.30 13.79
N LEU C 273 -14.20 24.58 13.44
CA LEU C 273 -14.53 25.68 12.55
C LEU C 273 -15.72 26.36 13.18
N THR C 274 -15.47 27.43 13.95
CA THR C 274 -16.52 28.26 14.54
C THR C 274 -16.10 29.73 14.48
N SER C 275 -17.00 30.62 14.90
CA SER C 275 -16.71 32.06 14.95
C SER C 275 -16.02 32.44 16.25
N ARG C 276 -15.74 33.74 16.41
CA ARG C 276 -15.29 34.30 17.68
C ARG C 276 -16.51 34.80 18.43
N GLY C 277 -17.17 33.89 19.10
CA GLY C 277 -18.45 34.19 19.71
C GLY C 277 -19.32 32.96 19.85
N SER C 278 -19.29 32.09 18.84
CA SER C 278 -19.96 30.79 18.89
C SER C 278 -19.01 29.68 19.36
N GLN C 279 -17.97 30.02 20.12
CA GLN C 279 -17.05 29.06 20.72
C GLN C 279 -17.36 28.77 22.19
N GLN C 280 -17.80 29.78 22.96
CA GLN C 280 -18.10 29.58 24.38
C GLN C 280 -19.35 28.71 24.61
N TYR C 281 -20.24 28.56 23.61
CA TYR C 281 -21.34 27.59 23.71
C TYR C 281 -20.90 26.16 23.46
N ARG C 282 -19.61 25.93 23.19
CA ARG C 282 -19.08 24.62 22.84
C ARG C 282 -17.91 24.24 23.76
N ALA C 283 -17.75 22.93 23.94
CA ALA C 283 -16.55 22.37 24.52
C ALA C 283 -15.87 21.50 23.45
N LEU C 284 -14.61 21.15 23.69
CA LEU C 284 -13.76 20.55 22.66
C LEU C 284 -13.51 19.06 22.93
N THR C 285 -14.49 18.23 22.56
CA THR C 285 -14.35 16.78 22.67
C THR C 285 -13.99 16.16 21.33
N VAL C 286 -13.41 14.95 21.39
CA VAL C 286 -13.23 14.16 20.17
C VAL C 286 -14.55 13.95 19.46
N PRO C 287 -15.63 13.53 20.13
CA PRO C 287 -16.97 13.52 19.51
C PRO C 287 -17.35 14.80 18.78
N GLU C 288 -17.19 15.96 19.44
CA GLU C 288 -17.54 17.24 18.83
C GLU C 288 -16.76 17.46 17.54
N LEU C 289 -15.45 17.23 17.61
CA LEU C 289 -14.58 17.42 16.44
C LEU C 289 -14.99 16.50 15.31
N THR C 290 -15.27 15.24 15.63
CA THR C 290 -15.68 14.29 14.59
C THR C 290 -17.00 14.72 13.95
N GLN C 291 -17.95 15.16 14.78
CA GLN C 291 -19.23 15.67 14.27
C GLN C 291 -19.03 16.80 13.29
N GLN C 292 -18.15 17.71 13.66
CA GLN C 292 -17.84 18.88 12.87
C GLN C 292 -17.16 18.47 11.55
N MET C 293 -16.27 17.47 11.61
CA MET C 293 -15.54 16.98 10.43
C MET C 293 -16.47 16.31 9.43
N PHE C 294 -17.49 15.61 9.91
CA PHE C 294 -18.39 14.90 9.02
C PHE C 294 -19.64 15.73 8.69
N ASP C 295 -19.66 17.00 9.12
CA ASP C 295 -20.69 17.94 8.71
C ASP C 295 -20.42 18.42 7.29
N ALA C 296 -21.43 18.32 6.41
CA ALA C 296 -21.28 18.75 5.03
C ALA C 296 -20.81 20.19 4.92
N LYS C 297 -21.21 21.03 5.89
CA LYS C 297 -20.80 22.42 5.92
C LYS C 297 -19.30 22.59 6.15
N ASN C 298 -18.62 21.54 6.57
CA ASN C 298 -17.18 21.60 6.81
C ASN C 298 -16.38 20.86 5.74
N MET C 299 -17.00 20.62 4.58
CA MET C 299 -16.32 20.06 3.42
C MET C 299 -15.78 21.17 2.55
N MET C 300 -14.63 20.92 1.91
CA MET C 300 -14.02 21.94 1.06
C MET C 300 -14.09 21.57 -0.44
N ALA C 301 -14.83 20.53 -0.79
CA ALA C 301 -15.18 20.23 -2.17
C ALA C 301 -16.68 20.41 -2.38
N ALA C 302 -17.07 20.57 -3.65
CA ALA C 302 -18.44 20.97 -3.99
C ALA C 302 -19.32 19.74 -4.19
N CYS C 303 -19.68 19.10 -3.09
CA CYS C 303 -20.57 17.96 -3.19
C CYS C 303 -21.22 17.69 -1.85
N ASP C 304 -22.47 17.21 -1.92
CA ASP C 304 -23.13 16.62 -0.78
C ASP C 304 -22.63 15.19 -0.63
N PRO C 305 -21.87 14.86 0.41
CA PRO C 305 -21.44 13.47 0.60
C PRO C 305 -22.57 12.45 0.60
N ARG C 306 -23.79 12.86 0.98
CA ARG C 306 -24.94 11.97 0.98
C ARG C 306 -25.42 11.61 -0.43
N HIS C 307 -24.89 12.25 -1.45
CA HIS C 307 -25.14 11.97 -2.87
C HIS C 307 -24.10 10.96 -3.39
N GLY C 308 -23.81 9.98 -2.56
CA GLY C 308 -22.75 9.01 -2.85
C GLY C 308 -22.37 8.29 -1.56
N ARG C 309 -21.21 7.66 -1.58
CA ARG C 309 -20.69 6.96 -0.41
C ARG C 309 -19.20 7.20 -0.28
N TYR C 310 -18.70 7.23 0.96
CA TYR C 310 -17.26 7.28 1.22
C TYR C 310 -16.65 5.91 0.96
N LEU C 311 -15.69 5.84 0.03
CA LEU C 311 -14.89 4.62 -0.13
C LEU C 311 -13.91 4.47 1.02
N THR C 312 -13.23 5.55 1.37
CA THR C 312 -12.26 5.56 2.44
C THR C 312 -12.14 6.98 2.98
N VAL C 313 -11.89 7.06 4.29
CA VAL C 313 -11.78 8.30 5.05
C VAL C 313 -10.55 8.21 5.92
N ALA C 314 -9.71 9.24 5.90
CA ALA C 314 -8.60 9.36 6.82
C ALA C 314 -8.81 10.58 7.71
N ALA C 315 -8.73 10.38 9.01
CA ALA C 315 -8.79 11.46 9.98
C ALA C 315 -7.44 11.55 10.70
N VAL C 316 -6.90 12.77 10.79
CA VAL C 316 -5.66 13.02 11.51
C VAL C 316 -5.96 13.98 12.65
N PHE C 317 -5.83 13.51 13.88
CA PHE C 317 -6.15 14.27 15.07
C PHE C 317 -4.87 14.80 15.72
N ARG C 318 -4.95 16.02 16.24
CA ARG C 318 -3.83 16.69 16.89
C ARG C 318 -4.22 17.10 18.31
N GLY C 319 -3.41 16.74 19.27
CA GLY C 319 -3.69 17.00 20.67
C GLY C 319 -3.81 15.72 21.47
N ARG C 320 -3.86 15.87 22.78
CA ARG C 320 -3.85 14.73 23.70
C ARG C 320 -5.26 14.20 23.87
N MET C 321 -5.47 12.94 23.53
CA MET C 321 -6.80 12.37 23.53
C MET C 321 -6.71 10.86 23.63
N SER C 322 -7.78 10.26 24.14
CA SER C 322 -7.84 8.82 24.33
C SER C 322 -8.10 8.12 23.00
N MET C 323 -7.15 7.27 22.60
CA MET C 323 -7.31 6.45 21.41
C MET C 323 -8.58 5.64 21.45
N LYS C 324 -8.93 5.12 22.61
CA LYS C 324 -10.13 4.31 22.65
C LYS C 324 -11.38 5.16 22.48
N GLU C 325 -11.40 6.34 23.10
CA GLU C 325 -12.49 7.28 22.89
C GLU C 325 -12.65 7.58 21.40
N VAL C 326 -11.53 7.85 20.71
CA VAL C 326 -11.56 8.18 19.29
C VAL C 326 -12.12 7.02 18.49
N ASP C 327 -11.55 5.83 18.70
CA ASP C 327 -11.95 4.66 17.92
C ASP C 327 -13.42 4.35 18.14
N GLU C 328 -13.86 4.39 19.41
CA GLU C 328 -15.24 4.10 19.75
C GLU C 328 -16.19 5.07 19.07
N GLN C 329 -15.85 6.36 19.11
CA GLN C 329 -16.68 7.37 18.47
C GLN C 329 -16.80 7.13 16.97
N MET C 330 -15.67 6.79 16.33
CA MET C 330 -15.74 6.58 14.89
C MET C 330 -16.52 5.32 14.56
N LEU C 331 -16.43 4.30 15.41
CA LEU C 331 -17.25 3.10 15.22
C LEU C 331 -18.73 3.44 15.32
N ASN C 332 -19.10 4.27 16.29
CA ASN C 332 -20.50 4.69 16.42
C ASN C 332 -20.97 5.39 15.16
N VAL C 333 -20.12 6.29 14.62
CA VAL C 333 -20.44 6.99 13.38
C VAL C 333 -20.67 6.01 12.25
N GLN C 334 -19.78 5.01 12.14
CA GLN C 334 -19.91 4.01 11.09
C GLN C 334 -21.21 3.23 11.24
N ASN C 335 -21.56 2.88 12.48
CA ASN C 335 -22.76 2.09 12.75
C ASN C 335 -24.01 2.86 12.35
N LYS C 336 -24.07 4.14 12.72
CA LYS C 336 -25.30 4.92 12.58
C LYS C 336 -25.53 5.40 11.15
N ASN C 337 -24.47 5.53 10.35
CA ASN C 337 -24.55 6.03 8.99
C ASN C 337 -23.90 5.03 8.03
N SER C 338 -24.13 3.74 8.28
CA SER C 338 -23.46 2.67 7.54
C SER C 338 -23.74 2.72 6.04
N SER C 339 -24.84 3.34 5.62
CA SER C 339 -25.18 3.41 4.20
C SER C 339 -24.23 4.31 3.41
N TYR C 340 -23.55 5.24 4.07
CA TYR C 340 -22.62 6.14 3.40
C TYR C 340 -21.21 5.61 3.40
N PHE C 341 -21.00 4.36 3.82
CA PHE C 341 -19.68 3.76 3.91
C PHE C 341 -19.69 2.49 3.07
N VAL C 342 -18.87 2.46 2.02
CA VAL C 342 -18.89 1.32 1.12
C VAL C 342 -18.55 0.05 1.89
N GLU C 343 -19.30 -1.02 1.61
CA GLU C 343 -19.22 -2.21 2.44
C GLU C 343 -18.05 -3.11 2.07
N TRP C 344 -17.30 -2.79 1.00
CA TRP C 344 -16.11 -3.57 0.68
C TRP C 344 -15.07 -3.48 1.77
N ILE C 345 -14.97 -2.34 2.46
CA ILE C 345 -13.91 -2.09 3.42
C ILE C 345 -14.44 -2.14 4.84
N PRO C 346 -14.24 -3.25 5.56
CA PRO C 346 -14.33 -3.22 7.04
C PRO C 346 -13.46 -2.09 7.54
N ASN C 347 -13.79 -1.55 8.72
CA ASN C 347 -13.07 -0.42 9.33
C ASN C 347 -12.84 0.72 8.34
N ASN C 348 -13.96 1.24 7.82
CA ASN C 348 -13.97 2.19 6.71
C ASN C 348 -12.97 3.35 6.86
N VAL C 349 -12.61 3.70 8.10
CA VAL C 349 -11.73 4.84 8.35
C VAL C 349 -10.33 4.39 8.77
N LYS C 350 -9.37 5.26 8.51
CA LYS C 350 -8.08 5.26 9.19
C LYS C 350 -7.99 6.47 10.11
N THR C 351 -7.42 6.25 11.29
CA THR C 351 -7.11 7.31 12.24
C THR C 351 -5.60 7.47 12.37
N ALA C 352 -5.16 8.72 12.40
CA ALA C 352 -3.80 9.06 12.78
C ALA C 352 -3.86 10.11 13.89
N VAL C 353 -2.82 10.13 14.70
CA VAL C 353 -2.78 10.97 15.90
C VAL C 353 -1.40 11.61 16.01
N CYS C 354 -1.38 12.89 16.38
CA CYS C 354 -0.16 13.65 16.55
C CYS C 354 -0.15 14.31 17.91
N ASP C 355 0.76 13.87 18.78
CA ASP C 355 0.85 14.36 20.16
C ASP C 355 1.45 15.77 20.15
N ILE C 356 0.66 16.70 19.62
CA ILE C 356 1.05 18.11 19.51
C ILE C 356 -0.07 18.89 18.84
N PRO C 357 -0.67 19.86 19.53
CA PRO C 357 -1.72 20.67 18.93
C PRO C 357 -1.14 21.83 18.16
N PRO C 358 -1.88 22.38 17.19
CA PRO C 358 -1.48 23.66 16.57
C PRO C 358 -1.79 24.82 17.50
N ARG C 359 -0.92 25.83 17.48
CA ARG C 359 -0.86 26.85 18.53
C ARG C 359 -2.20 27.50 18.86
N GLY C 360 -2.55 27.53 20.16
CA GLY C 360 -3.78 28.20 20.62
C GLY C 360 -5.02 27.33 20.61
N LEU C 361 -4.88 26.07 20.22
CA LEU C 361 -5.91 25.04 20.32
C LEU C 361 -5.43 23.91 21.23
N LYS C 362 -6.37 23.30 21.93
CA LYS C 362 -6.06 22.08 22.67
C LYS C 362 -6.12 20.87 21.74
N MET C 363 -7.06 20.90 20.80
CA MET C 363 -7.33 19.79 19.91
C MET C 363 -7.70 20.33 18.54
N SER C 364 -7.32 19.58 17.51
CA SER C 364 -7.68 19.90 16.13
C SER C 364 -7.76 18.60 15.36
N ALA C 365 -8.34 18.67 14.16
CA ALA C 365 -8.39 17.47 13.34
C ALA C 365 -8.50 17.87 11.88
N THR C 366 -7.93 17.04 11.02
CA THR C 366 -8.00 17.20 9.58
C THR C 366 -8.64 15.97 8.97
N PHE C 367 -9.47 16.17 7.95
CA PHE C 367 -10.30 15.12 7.38
C PHE C 367 -9.99 14.99 5.90
N ILE C 368 -9.88 13.74 5.44
CA ILE C 368 -9.57 13.43 4.06
C ILE C 368 -10.56 12.37 3.62
N GLY C 369 -11.48 12.74 2.72
CA GLY C 369 -12.52 11.84 2.25
C GLY C 369 -12.35 11.50 0.78
N ASN C 370 -12.56 10.24 0.45
CA ASN C 370 -12.57 9.75 -0.93
C ASN C 370 -13.96 9.17 -1.19
N SER C 371 -14.80 9.95 -1.86
CA SER C 371 -16.22 9.66 -1.99
C SER C 371 -16.61 9.47 -3.45
N THR C 372 -17.49 8.48 -3.69
CA THR C 372 -18.10 8.31 -5.00
C THR C 372 -18.87 9.54 -5.43
N ALA C 373 -19.30 10.37 -4.47
CA ALA C 373 -20.10 11.55 -4.77
C ALA C 373 -19.33 12.55 -5.61
N ILE C 374 -18.01 12.63 -5.44
CA ILE C 374 -17.23 13.63 -6.15
C ILE C 374 -17.30 13.43 -7.66
N GLN C 375 -17.84 12.29 -8.13
CA GLN C 375 -18.12 12.09 -9.54
C GLN C 375 -18.99 13.21 -10.12
N GLU C 376 -19.85 13.80 -9.29
CA GLU C 376 -20.75 14.84 -9.77
C GLU C 376 -19.97 16.05 -10.25
N LEU C 377 -18.90 16.43 -9.52
CA LEU C 377 -18.04 17.52 -9.94
C LEU C 377 -17.45 17.26 -11.32
N PHE C 378 -16.94 16.04 -11.52
CA PHE C 378 -16.36 15.69 -12.81
C PHE C 378 -17.41 15.75 -13.90
N LYS C 379 -18.63 15.27 -13.61
CA LYS C 379 -19.74 15.35 -14.54
C LYS C 379 -19.99 16.78 -14.98
N ARG C 380 -20.04 17.70 -14.02
CA ARG C 380 -20.39 19.08 -14.35
C ARG C 380 -19.34 19.69 -15.26
N ILE C 381 -18.06 19.45 -14.95
CA ILE C 381 -17.00 19.98 -15.81
C ILE C 381 -17.08 19.36 -17.20
N SER C 382 -17.33 18.05 -17.26
CA SER C 382 -17.39 17.36 -18.54
C SER C 382 -18.52 17.92 -19.40
N GLU C 383 -19.69 18.14 -18.81
CA GLU C 383 -20.81 18.72 -19.57
C GLU C 383 -20.49 20.12 -20.06
N GLN C 384 -19.93 20.96 -19.16
CA GLN C 384 -19.57 22.33 -19.53
C GLN C 384 -18.60 22.35 -20.70
N PHE C 385 -17.55 21.54 -20.61
CA PHE C 385 -16.57 21.42 -21.68
C PHE C 385 -17.25 20.97 -22.96
N THR C 386 -18.08 19.94 -22.84
CA THR C 386 -18.65 19.25 -23.99
C THR C 386 -19.49 20.20 -24.83
N ALA C 387 -20.30 21.03 -24.17
CA ALA C 387 -21.17 21.93 -24.92
C ALA C 387 -20.36 22.88 -25.79
N MET C 388 -19.35 23.50 -25.20
CA MET C 388 -18.50 24.43 -25.93
C MET C 388 -17.76 23.72 -27.06
N PHE C 389 -17.29 22.49 -26.81
CA PHE C 389 -16.60 21.74 -27.85
C PHE C 389 -17.53 21.43 -29.01
N ARG C 390 -18.80 21.13 -28.70
CA ARG C 390 -19.79 20.85 -29.75
C ARG C 390 -19.81 21.96 -30.79
N ARG C 391 -19.60 23.21 -30.37
CA ARG C 391 -19.57 24.35 -31.28
C ARG C 391 -18.15 24.83 -31.58
N LYS C 392 -17.14 24.04 -31.18
CA LYS C 392 -15.74 24.37 -31.39
C LYS C 392 -15.41 25.78 -30.89
N ALA C 393 -16.07 26.19 -29.81
CA ALA C 393 -15.94 27.56 -29.32
C ALA C 393 -14.57 27.79 -28.67
N PHE C 394 -13.99 28.96 -28.95
CA PHE C 394 -12.70 29.41 -28.42
C PHE C 394 -11.53 28.56 -28.89
N LEU C 395 -11.74 27.68 -29.85
CA LEU C 395 -10.77 26.63 -30.12
C LEU C 395 -9.52 27.15 -30.83
N HIS C 396 -9.65 28.23 -31.62
CA HIS C 396 -8.52 28.69 -32.42
C HIS C 396 -7.33 29.10 -31.57
N TRP C 397 -7.57 29.58 -30.35
CA TRP C 397 -6.46 29.95 -29.46
C TRP C 397 -5.58 28.74 -29.15
N TYR C 398 -6.15 27.54 -29.10
CA TYR C 398 -5.41 26.33 -28.77
C TYR C 398 -4.90 25.60 -30.00
N THR C 399 -5.72 25.51 -31.06
CA THR C 399 -5.24 24.89 -32.29
C THR C 399 -4.06 25.65 -32.86
N GLY C 400 -4.03 26.98 -32.67
CA GLY C 400 -2.92 27.77 -33.15
C GLY C 400 -1.60 27.42 -32.49
N GLU C 401 -1.64 26.78 -31.32
CA GLU C 401 -0.44 26.32 -30.66
C GLU C 401 -0.18 24.83 -30.88
N GLY C 402 -0.88 24.21 -31.83
CA GLY C 402 -0.58 22.86 -32.26
C GLY C 402 -1.45 21.77 -31.69
N MET C 403 -2.37 22.10 -30.78
CA MET C 403 -3.22 21.10 -30.17
C MET C 403 -4.32 20.66 -31.16
N ASP C 404 -4.79 19.42 -30.97
CA ASP C 404 -5.61 18.73 -31.96
C ASP C 404 -6.90 18.24 -31.32
N GLU C 405 -7.94 18.10 -32.14
CA GLU C 405 -9.25 17.63 -31.66
C GLU C 405 -9.15 16.27 -30.97
N MET C 406 -8.29 15.40 -31.48
CA MET C 406 -8.19 14.04 -30.94
C MET C 406 -7.75 14.06 -29.49
N GLU C 407 -6.79 14.93 -29.17
CA GLU C 407 -6.35 15.08 -27.79
C GLU C 407 -7.50 15.49 -26.87
N PHE C 408 -8.29 16.47 -27.31
CA PHE C 408 -9.45 16.91 -26.54
C PHE C 408 -10.43 15.76 -26.33
N THR C 409 -10.69 14.99 -27.39
CA THR C 409 -11.59 13.85 -27.29
C THR C 409 -11.06 12.84 -26.28
N GLU C 410 -9.74 12.59 -26.31
CA GLU C 410 -9.11 11.68 -25.35
C GLU C 410 -9.35 12.14 -23.93
N ALA C 411 -9.18 13.44 -23.69
CA ALA C 411 -9.40 14.01 -22.36
C ALA C 411 -10.82 13.73 -21.89
N GLU C 412 -11.80 13.97 -22.77
CA GLU C 412 -13.20 13.73 -22.43
C GLU C 412 -13.44 12.26 -22.13
N SER C 413 -12.85 11.37 -22.94
CA SER C 413 -12.98 9.94 -22.70
C SER C 413 -12.44 9.57 -21.33
N ASN C 414 -11.30 10.15 -20.96
CA ASN C 414 -10.72 9.90 -19.64
C ASN C 414 -11.69 10.33 -18.53
N MET C 415 -12.26 11.53 -18.67
CA MET C 415 -13.20 12.03 -17.67
C MET C 415 -14.38 11.09 -17.52
N ASN C 416 -14.95 10.67 -18.65
CA ASN C 416 -16.11 9.79 -18.63
C ASN C 416 -15.75 8.46 -17.99
N ASP C 417 -14.56 7.93 -18.30
CA ASP C 417 -14.09 6.69 -17.68
C ASP C 417 -14.01 6.84 -16.17
N LEU C 418 -13.45 7.96 -15.69
CA LEU C 418 -13.40 8.24 -14.25
C LEU C 418 -14.77 8.14 -13.61
N VAL C 419 -15.75 8.85 -14.19
CA VAL C 419 -17.08 8.85 -13.59
C VAL C 419 -17.68 7.45 -13.64
N SER C 420 -17.44 6.71 -14.73
CA SER C 420 -17.93 5.34 -14.84
C SER C 420 -17.35 4.47 -13.73
N GLU C 421 -16.06 4.64 -13.45
CA GLU C 421 -15.44 3.84 -12.39
C GLU C 421 -16.07 4.16 -11.03
N TYR C 422 -16.34 5.45 -10.77
CA TYR C 422 -17.03 5.80 -9.53
C TYR C 422 -18.42 5.16 -9.47
N GLN C 423 -19.15 5.19 -10.58
CA GLN C 423 -20.46 4.54 -10.66
C GLN C 423 -20.35 3.06 -10.31
N GLN C 424 -19.33 2.40 -10.86
CA GLN C 424 -19.13 0.98 -10.64
C GLN C 424 -18.94 0.66 -9.17
N TYR C 425 -18.20 1.49 -8.46
CA TYR C 425 -17.94 1.27 -7.05
C TYR C 425 -18.82 2.16 -6.18
N GLN C 426 -20.05 2.42 -6.64
CA GLN C 426 -21.04 3.13 -5.85
C GLN C 426 -21.60 2.19 -4.79
#